data_6X78
#
_entry.id   6X78
#
_cell.length_a   81.993
_cell.length_b   92.733
_cell.length_c   143.424
_cell.angle_alpha   90.000
_cell.angle_beta   90.000
_cell.angle_gamma   90.000
#
_symmetry.space_group_name_H-M   'P 21 21 21'
#
loop_
_entity.id
_entity.type
_entity.pdbx_description
1 polymer 'antibody vFP48.03 light chain'
2 polymer 'antibody vFP48.03 heavy chain'
3 polymer 'HIV fusion peptide 512-519 V2'
4 non-polymer 'SULFATE ION'
5 water water
#
loop_
_entity_poly.entity_id
_entity_poly.type
_entity_poly.pdbx_seq_one_letter_code
_entity_poly.pdbx_strand_id
1 'polypeptide(L)'
;DVVMTQTALTLSVTIGQPASISCKSSQSLLDSDGKTYLNWLLQRPGQSPKRLIYLVSKLDSGVPDRFTGSGSGTDFTLKI
SRVEAEDLGVYYCWQGTHFPQTFGGGTRLEIKRTDAAPTVSIFPPSSEQLTSGGASVVCFLNNFYPKDINVKWKIDGSER
QNGVLNSWTDQDSKDSTYSMSSTLTLTKDEYERHNSYTCEATHKTSTSPIVKSFNRNEC
;
A,L
2 'polypeptide(L)'
;QVQLQQPGAEFVKPGASVRMSCKASGYTFTSYWIAWVKQRPGQGLEWIGDIYPGSGYTNYNGKLKNRATLTVDTSSNTAY
MQLSSLTSEDSAVYYCTRGGTTFVAEPWLAYWGQGTLVAVSAASTTPPSVYPLAPGSAAQTNSMVTLGCLVKGYFPEPVT
VTWNSGSLSSGVHTFPAVLQSDLYTLSSSVTVPSSTWPSETVTCNVAHPASSTKVDKKIVPRDCDKGLEVLFQG
;
B,H
3 'polypeptide(L)' AVGLGAVF G,I
#
# COMPACT_ATOMS: atom_id res chain seq x y z
N ASP A 1 4.14 16.87 37.92
CA ASP A 1 3.27 16.80 36.72
C ASP A 1 2.40 15.55 36.82
N VAL A 2 1.51 15.36 35.85
CA VAL A 2 0.57 14.21 35.92
C VAL A 2 1.25 13.03 35.25
N VAL A 3 1.39 11.96 36.02
CA VAL A 3 2.03 10.75 35.53
C VAL A 3 0.97 9.83 34.93
N MET A 4 1.18 9.42 33.69
CA MET A 4 0.28 8.53 32.96
C MET A 4 0.96 7.18 32.79
N THR A 5 0.38 6.15 33.42
CA THR A 5 0.97 4.79 33.42
C THR A 5 0.19 3.87 32.48
N GLN A 6 0.86 3.32 31.49
CA GLN A 6 0.22 2.44 30.49
C GLN A 6 0.50 1.00 30.90
N THR A 7 -0.55 0.21 31.03
CA THR A 7 -0.39 -1.17 31.55
C THR A 7 -0.40 -2.16 30.42
N ALA A 8 0.53 -3.11 30.51
CA ALA A 8 0.84 -4.02 29.42
C ALA A 8 1.84 -3.15 28.65
N LEU A 9 3.13 -3.30 28.92
CA LEU A 9 4.14 -2.61 28.08
C LEU A 9 4.01 -3.18 26.68
N THR A 10 3.81 -4.49 26.58
CA THR A 10 3.58 -5.17 25.30
C THR A 10 2.37 -6.08 25.48
N LEU A 11 1.46 -6.11 24.52
CA LEU A 11 0.32 -7.04 24.53
C LEU A 11 0.39 -7.92 23.27
N SER A 12 0.55 -9.22 23.48
CA SER A 12 0.54 -10.15 22.36
C SER A 12 -0.90 -10.44 21.96
N VAL A 13 -1.26 -10.10 20.74
CA VAL A 13 -2.64 -10.20 20.29
C VAL A 13 -2.73 -11.23 19.17
N THR A 14 -3.96 -11.68 18.92
CA THR A 14 -4.24 -12.59 17.83
C THR A 14 -5.31 -11.96 16.94
N ILE A 15 -5.09 -12.02 15.63
CA ILE A 15 -6.05 -11.45 14.68
C ILE A 15 -7.41 -12.11 14.90
N GLY A 16 -8.45 -11.29 14.96
CA GLY A 16 -9.82 -11.75 15.17
C GLY A 16 -10.24 -11.91 16.61
N GLN A 17 -9.35 -11.66 17.56
CA GLN A 17 -9.63 -11.79 18.98
C GLN A 17 -9.52 -10.43 19.68
N PRO A 18 -10.15 -10.28 20.84
CA PRO A 18 -10.15 -8.95 21.49
C PRO A 18 -8.80 -8.59 22.07
N ALA A 19 -8.71 -7.32 22.46
CA ALA A 19 -7.55 -6.77 23.15
C ALA A 19 -8.02 -5.60 24.00
N SER A 20 -7.32 -5.40 25.12
CA SER A 20 -7.67 -4.34 26.05
C SER A 20 -6.39 -3.85 26.69
N ILE A 21 -6.24 -2.53 26.73
CA ILE A 21 -5.10 -1.88 27.38
C ILE A 21 -5.66 -0.77 28.25
N SER A 22 -4.91 -0.45 29.31
CA SER A 22 -5.36 0.56 30.26
C SER A 22 -4.30 1.64 30.44
N CYS A 23 -4.79 2.83 30.81
CA CYS A 23 -3.99 4.00 31.12
C CYS A 23 -4.44 4.53 32.48
N LYS A 24 -3.54 4.56 33.46
CA LYS A 24 -3.84 5.15 34.77
C LYS A 24 -3.07 6.45 34.99
N SER A 25 -3.76 7.45 35.54
CA SER A 25 -3.20 8.75 35.83
C SER A 25 -3.04 8.97 37.33
N SER A 26 -2.00 9.72 37.71
CA SER A 26 -1.73 10.01 39.11
C SER A 26 -2.64 11.07 39.68
N GLN A 27 -3.42 11.74 38.83
CA GLN A 27 -4.41 12.70 39.28
C GLN A 27 -5.68 12.48 38.48
N SER A 28 -6.80 12.95 39.03
CA SER A 28 -8.05 12.92 38.30
C SER A 28 -7.95 13.80 37.05
N LEU A 29 -8.40 13.26 35.93
CA LEU A 29 -8.37 14.01 34.67
C LEU A 29 -9.66 14.79 34.40
N LEU A 30 -10.60 14.77 35.33
CA LEU A 30 -11.83 15.53 35.18
C LEU A 30 -11.54 17.02 35.31
N ASP A 31 -11.81 17.78 34.25
CA ASP A 31 -11.60 19.22 34.24
C ASP A 31 -12.78 19.95 34.90
N SER A 32 -12.52 21.18 35.34
CA SER A 32 -13.54 21.96 36.03
C SER A 32 -14.77 22.23 35.17
N ASP A 33 -14.66 22.13 33.85
CA ASP A 33 -15.79 22.32 32.95
C ASP A 33 -16.60 21.05 32.71
N GLY A 34 -16.34 19.98 33.46
CA GLY A 34 -17.10 18.76 33.33
C GLY A 34 -16.55 17.75 32.34
N LYS A 35 -15.62 18.14 31.48
CA LYS A 35 -15.06 17.24 30.48
C LYS A 35 -13.77 16.62 30.98
N THR A 36 -13.38 15.51 30.33
CA THR A 36 -12.16 14.78 30.65
C THR A 36 -11.34 14.67 29.38
N TYR A 37 -10.17 15.31 29.37
CA TYR A 37 -9.39 15.44 28.14
C TYR A 37 -8.35 14.33 28.08
N LEU A 38 -8.83 13.14 27.72
CA LEU A 38 -8.01 11.94 27.59
C LEU A 38 -8.08 11.49 26.13
N ASN A 39 -6.93 11.43 25.47
CA ASN A 39 -6.85 10.99 24.08
C ASN A 39 -6.05 9.71 24.01
N TRP A 40 -6.37 8.88 23.02
CA TRP A 40 -5.60 7.69 22.66
C TRP A 40 -5.06 7.86 21.25
N LEU A 41 -3.79 7.52 21.07
CA LEU A 41 -3.15 7.61 19.77
C LEU A 41 -2.50 6.27 19.41
N LEU A 42 -2.43 5.99 18.11
CA LEU A 42 -1.73 4.83 17.58
C LEU A 42 -0.60 5.30 16.67
N GLN A 43 0.59 4.79 16.91
CA GLN A 43 1.75 5.06 16.07
C GLN A 43 2.13 3.74 15.40
N ARG A 44 1.78 3.61 14.16
CA ARG A 44 2.17 2.43 13.40
C ARG A 44 3.64 2.55 13.01
N PRO A 45 4.32 1.42 12.80
CA PRO A 45 5.75 1.49 12.47
C PRO A 45 6.03 2.40 11.28
N GLY A 46 6.97 3.32 11.47
CA GLY A 46 7.36 4.26 10.44
C GLY A 46 6.43 5.44 10.25
N GLN A 47 5.39 5.58 11.07
CA GLN A 47 4.38 6.61 10.87
C GLN A 47 4.41 7.63 12.00
N SER A 48 3.80 8.77 11.73
CA SER A 48 3.48 9.72 12.78
C SER A 48 2.41 9.14 13.69
N PRO A 49 2.37 9.53 14.96
CA PRO A 49 1.23 9.16 15.79
C PRO A 49 -0.05 9.63 15.13
N LYS A 50 -1.12 8.85 15.31
CA LYS A 50 -2.44 9.21 14.81
C LYS A 50 -3.45 9.09 15.94
N ARG A 51 -4.33 10.07 16.04
CA ARG A 51 -5.35 10.08 17.09
C ARG A 51 -6.50 9.17 16.71
N LEU A 52 -6.88 8.30 17.64
CA LEU A 52 -8.07 7.45 17.46
C LEU A 52 -9.25 7.92 18.29
N ILE A 53 -8.98 8.35 19.53
CA ILE A 53 -10.04 8.66 20.49
C ILE A 53 -9.65 9.92 21.25
N TYR A 54 -10.59 10.85 21.37
CA TYR A 54 -10.48 12.02 22.23
C TYR A 54 -11.66 12.00 23.17
N LEU A 55 -11.56 12.75 24.27
CA LEU A 55 -12.74 12.93 25.14
C LEU A 55 -13.27 11.57 25.57
N VAL A 56 -12.72 10.98 26.62
CA VAL A 56 -12.37 9.58 26.81
C VAL A 56 -12.92 8.56 25.82
N SER A 57 -14.12 8.75 25.28
CA SER A 57 -14.78 7.71 24.49
C SER A 57 -15.14 8.11 23.06
N LYS A 58 -14.70 9.26 22.56
CA LYS A 58 -15.17 9.74 21.26
C LYS A 58 -14.23 9.30 20.13
N LEU A 59 -14.80 8.64 19.12
CA LEU A 59 -14.03 8.13 17.99
C LEU A 59 -13.76 9.23 16.97
N ASP A 60 -12.54 9.25 16.45
CA ASP A 60 -12.20 10.16 15.38
C ASP A 60 -12.81 9.71 14.06
N SER A 61 -12.94 10.66 13.15
CA SER A 61 -13.34 10.40 11.77
C SER A 61 -12.59 9.21 11.20
N GLY A 62 -13.34 8.18 10.78
CA GLY A 62 -12.79 7.04 10.08
C GLY A 62 -12.32 5.91 10.95
N VAL A 63 -12.29 6.09 12.26
CA VAL A 63 -11.82 5.03 13.15
C VAL A 63 -12.90 3.96 13.27
N PRO A 64 -12.59 2.70 12.98
CA PRO A 64 -13.61 1.65 12.96
C PRO A 64 -14.23 1.40 14.32
N ASP A 65 -15.50 0.98 14.28
CA ASP A 65 -16.32 0.72 15.46
C ASP A 65 -15.69 -0.29 16.43
N ARG A 66 -14.71 -1.06 15.96
CA ARG A 66 -14.10 -2.05 16.83
C ARG A 66 -13.38 -1.41 18.02
N PHE A 67 -12.96 -0.15 17.88
CA PHE A 67 -12.31 0.57 18.96
C PHE A 67 -13.35 1.16 19.93
N THR A 68 -13.07 1.05 21.22
CA THR A 68 -13.94 1.57 22.26
C THR A 68 -13.05 2.09 23.38
N GLY A 69 -13.26 3.34 23.78
CA GLY A 69 -12.56 3.92 24.91
C GLY A 69 -13.53 4.08 26.05
N SER A 70 -13.03 3.92 27.27
CA SER A 70 -13.89 4.04 28.45
C SER A 70 -13.04 4.39 29.65
N GLY A 71 -13.71 4.70 30.75
CA GLY A 71 -13.05 5.05 31.99
C GLY A 71 -13.57 6.35 32.56
N SER A 72 -13.06 6.65 33.76
CA SER A 72 -13.45 7.84 34.48
C SER A 72 -12.41 8.14 35.55
N GLY A 73 -12.28 9.42 35.89
CA GLY A 73 -11.41 9.78 37.00
C GLY A 73 -9.94 9.58 36.66
N THR A 74 -9.36 8.52 37.22
CA THR A 74 -7.95 8.20 37.00
C THR A 74 -7.70 6.94 36.19
N ASP A 75 -8.73 6.16 35.86
CA ASP A 75 -8.55 4.83 35.27
C ASP A 75 -9.28 4.77 33.92
N PHE A 76 -8.52 4.48 32.87
CA PHE A 76 -9.05 4.48 31.51
C PHE A 76 -8.57 3.26 30.75
N THR A 77 -9.39 2.84 29.78
CA THR A 77 -9.12 1.63 29.03
C THR A 77 -9.47 1.85 27.56
N LEU A 78 -8.66 1.27 26.68
CA LEU A 78 -8.96 1.20 25.25
C LEU A 78 -9.16 -0.26 24.90
N LYS A 79 -10.21 -0.57 24.15
CA LYS A 79 -10.55 -1.93 23.81
C LYS A 79 -10.77 -2.07 22.31
N ILE A 80 -10.33 -3.20 21.78
CA ILE A 80 -10.57 -3.59 20.39
C ILE A 80 -11.35 -4.89 20.44
N SER A 81 -12.53 -4.91 19.82
CA SER A 81 -13.37 -6.11 19.84
C SER A 81 -12.71 -7.26 19.09
N ARG A 82 -12.25 -7.02 17.86
CA ARG A 82 -11.49 -8.01 17.09
C ARG A 82 -10.31 -7.31 16.42
N VAL A 83 -9.09 -7.72 16.78
CA VAL A 83 -7.89 -7.05 16.29
C VAL A 83 -7.68 -7.35 14.82
N GLU A 84 -7.31 -6.33 14.05
CA GLU A 84 -6.88 -6.46 12.66
C GLU A 84 -5.41 -6.08 12.56
N ALA A 85 -4.79 -6.47 11.44
CA ALA A 85 -3.38 -6.19 11.20
C ALA A 85 -3.07 -4.70 11.25
N GLU A 86 -4.00 -3.86 10.83
CA GLU A 86 -3.78 -2.41 10.82
C GLU A 86 -3.79 -1.81 12.21
N ASP A 87 -4.09 -2.59 13.25
CA ASP A 87 -4.11 -2.09 14.61
C ASP A 87 -2.77 -2.25 15.34
N LEU A 88 -1.82 -2.97 14.77
CA LEU A 88 -0.55 -3.22 15.43
C LEU A 88 0.29 -1.96 15.45
N GLY A 89 1.04 -1.77 16.52
CA GLY A 89 1.87 -0.60 16.68
C GLY A 89 1.96 -0.27 18.16
N VAL A 90 2.27 1.00 18.45
CA VAL A 90 2.36 1.47 19.82
C VAL A 90 1.24 2.46 20.09
N TYR A 91 0.52 2.23 21.18
CA TYR A 91 -0.62 3.05 21.60
C TYR A 91 -0.20 3.95 22.76
N TYR A 92 -0.50 5.25 22.65
CA TYR A 92 -0.18 6.24 23.67
C TYR A 92 -1.48 6.89 24.16
N CYS A 93 -1.64 6.97 25.48
CA CYS A 93 -2.62 7.87 26.07
C CYS A 93 -1.99 9.24 26.31
N TRP A 94 -2.84 10.25 26.34
CA TRP A 94 -2.40 11.66 26.53
C TRP A 94 -3.43 12.40 27.37
N GLN A 95 -2.97 13.33 28.19
CA GLN A 95 -3.88 14.17 28.99
C GLN A 95 -3.65 15.65 28.67
N GLY A 96 -4.72 16.40 28.46
CA GLY A 96 -4.65 17.86 28.28
C GLY A 96 -5.46 18.61 29.34
N THR A 97 -5.88 17.91 30.37
CA THR A 97 -6.64 18.52 31.48
C THR A 97 -5.76 19.39 32.36
N HIS A 98 -4.59 18.89 32.68
CA HIS A 98 -3.66 19.61 33.59
C HIS A 98 -2.38 20.03 32.86
N PHE A 99 -1.94 21.27 33.07
CA PHE A 99 -0.66 21.77 32.53
C PHE A 99 0.47 21.35 33.46
N PRO A 100 1.61 20.87 32.94
CA PRO A 100 1.73 20.54 31.53
C PRO A 100 1.07 19.26 30.98
N GLN A 101 0.74 19.28 29.70
CA GLN A 101 0.21 18.07 29.03
C GLN A 101 1.23 16.93 29.12
N THR A 102 0.74 15.71 29.29
CA THR A 102 1.63 14.54 29.46
C THR A 102 1.21 13.37 28.58
N PHE A 103 2.18 12.57 28.21
CA PHE A 103 1.89 11.35 27.43
C PHE A 103 2.22 10.13 28.28
N GLY A 104 1.48 9.04 28.08
CA GLY A 104 1.84 7.77 28.69
C GLY A 104 3.05 7.17 28.00
N GLY A 105 3.66 6.18 28.61
CA GLY A 105 4.87 5.52 28.06
C GLY A 105 4.62 4.72 26.83
N GLY A 106 3.41 4.21 26.68
CA GLY A 106 3.04 3.46 25.50
C GLY A 106 2.86 1.98 25.70
N THR A 107 1.94 1.40 24.95
CA THR A 107 1.68 -0.05 24.98
C THR A 107 1.84 -0.53 23.54
N ARG A 108 2.71 -1.50 23.35
CA ARG A 108 2.91 -2.08 22.01
C ARG A 108 2.02 -3.29 21.79
N LEU A 109 1.31 -3.31 20.69
CA LEU A 109 0.58 -4.50 20.27
C LEU A 109 1.39 -5.25 19.23
N GLU A 110 1.63 -6.54 19.48
CA GLU A 110 2.39 -7.40 18.57
C GLU A 110 1.69 -8.74 18.45
N ILE A 111 2.01 -9.47 17.38
CA ILE A 111 1.32 -10.73 17.08
C ILE A 111 1.89 -11.84 17.93
N LYS A 112 1.01 -12.63 18.56
CA LYS A 112 1.43 -13.79 19.31
C LYS A 112 1.63 -14.98 18.38
N ARG A 113 2.70 -15.73 18.63
CA ARG A 113 3.03 -16.95 17.89
C ARG A 113 3.81 -17.87 18.82
N THR A 114 4.17 -19.06 18.32
CA THR A 114 4.92 -20.02 19.13
C THR A 114 6.37 -19.55 19.30
N ASP A 115 6.99 -20.02 20.39
CA ASP A 115 8.38 -19.67 20.65
C ASP A 115 9.28 -20.21 19.54
N ALA A 116 10.34 -19.46 19.21
CA ALA A 116 11.32 -19.89 18.23
C ALA A 116 12.69 -19.42 18.70
N ALA A 117 13.66 -20.32 18.70
CA ALA A 117 15.01 -20.01 19.12
C ALA A 117 15.74 -19.20 18.05
N PRO A 118 16.69 -18.36 18.43
CA PRO A 118 17.42 -17.58 17.42
C PRO A 118 18.39 -18.46 16.64
N THR A 119 18.53 -18.12 15.35
CA THR A 119 19.60 -18.66 14.53
C THR A 119 20.78 -17.69 14.61
N VAL A 120 21.89 -18.15 15.18
CA VAL A 120 23.02 -17.28 15.51
C VAL A 120 24.17 -17.54 14.55
N SER A 121 24.73 -16.45 13.99
CA SER A 121 25.87 -16.52 13.09
C SER A 121 26.87 -15.44 13.50
N ILE A 122 28.13 -15.82 13.64
CA ILE A 122 29.19 -14.87 14.00
C ILE A 122 30.15 -14.72 12.82
N PHE A 123 30.72 -13.53 12.67
CA PHE A 123 31.60 -13.19 11.56
C PHE A 123 32.82 -12.42 12.06
N PRO A 124 34.03 -12.88 11.76
CA PRO A 124 35.24 -12.11 12.09
C PRO A 124 35.34 -10.86 11.22
N PRO A 125 36.20 -9.92 11.59
CA PRO A 125 36.41 -8.75 10.74
C PRO A 125 36.84 -9.17 9.33
N SER A 126 36.35 -8.45 8.34
CA SER A 126 36.76 -8.68 6.97
C SER A 126 38.18 -8.16 6.77
N SER A 127 38.89 -8.77 5.83
CA SER A 127 40.25 -8.30 5.54
C SER A 127 40.23 -6.85 5.05
N GLU A 128 39.19 -6.46 4.31
CA GLU A 128 39.07 -5.07 3.86
C GLU A 128 39.03 -4.10 5.04
N GLN A 129 38.30 -4.44 6.11
CA GLN A 129 38.25 -3.51 7.23
C GLN A 129 39.58 -3.48 7.98
N LEU A 130 40.28 -4.62 8.04
CA LEU A 130 41.54 -4.66 8.77
C LEU A 130 42.60 -3.76 8.12
N THR A 131 42.62 -3.69 6.79
CA THR A 131 43.57 -2.78 6.13
C THR A 131 43.28 -1.31 6.43
N SER A 132 42.03 -0.97 6.82
CA SER A 132 41.69 0.39 7.17
C SER A 132 42.00 0.76 8.63
N GLY A 133 42.37 -0.21 9.47
CA GLY A 133 42.64 0.09 10.87
C GLY A 133 41.49 -0.14 11.83
N GLY A 134 40.36 -0.67 11.35
CA GLY A 134 39.24 -1.01 12.21
C GLY A 134 39.07 -2.52 12.26
N ALA A 135 38.23 -2.95 13.21
CA ALA A 135 37.94 -4.37 13.36
C ALA A 135 36.58 -4.52 14.01
N SER A 136 35.59 -4.97 13.23
CA SER A 136 34.24 -5.17 13.72
C SER A 136 33.91 -6.65 13.65
N VAL A 137 33.41 -7.19 14.77
CA VAL A 137 32.90 -8.57 14.81
C VAL A 137 31.39 -8.50 14.84
N VAL A 138 30.74 -9.26 13.96
CA VAL A 138 29.29 -9.18 13.79
C VAL A 138 28.66 -10.49 14.23
N CYS A 139 27.54 -10.37 14.92
CA CYS A 139 26.74 -11.49 15.40
C CYS A 139 25.28 -11.23 15.00
N PHE A 140 24.72 -12.11 14.17
CA PHE A 140 23.31 -12.06 13.80
C PHE A 140 22.51 -13.05 14.63
N LEU A 141 21.34 -12.62 15.10
CA LEU A 141 20.40 -13.48 15.84
C LEU A 141 19.06 -13.37 15.13
N ASN A 142 18.69 -14.37 14.34
CA ASN A 142 17.61 -14.23 13.37
C ASN A 142 16.41 -15.11 13.71
N ASN A 143 15.21 -14.54 13.48
CA ASN A 143 13.94 -15.26 13.46
C ASN A 143 13.68 -15.99 14.78
N PHE A 144 13.68 -15.22 15.86
CA PHE A 144 13.31 -15.72 17.18
C PHE A 144 12.02 -15.06 17.61
N TYR A 145 11.37 -15.69 18.60
CA TYR A 145 10.16 -15.24 19.24
C TYR A 145 10.16 -15.84 20.64
N PRO A 146 9.78 -15.08 21.68
CA PRO A 146 9.37 -13.67 21.63
C PRO A 146 10.56 -12.73 21.51
N LYS A 147 10.30 -11.43 21.62
CA LYS A 147 11.24 -10.42 21.16
C LYS A 147 12.36 -10.15 22.14
N ASP A 148 12.19 -10.51 23.41
CA ASP A 148 13.20 -10.18 24.40
C ASP A 148 14.38 -11.13 24.31
N ILE A 149 15.58 -10.56 24.24
CA ILE A 149 16.81 -11.32 24.03
C ILE A 149 17.96 -10.50 24.57
N ASN A 150 19.04 -11.16 24.93
CA ASN A 150 20.22 -10.47 25.42
C ASN A 150 21.47 -11.09 24.80
N VAL A 151 22.42 -10.24 24.42
CA VAL A 151 23.66 -10.69 23.79
C VAL A 151 24.81 -10.30 24.70
N LYS A 152 25.67 -11.26 25.01
CA LYS A 152 26.89 -11.05 25.77
C LYS A 152 28.08 -11.30 24.84
N TRP A 153 29.03 -10.37 24.83
CA TRP A 153 30.27 -10.52 24.09
C TRP A 153 31.38 -10.90 25.06
N LYS A 154 32.16 -11.90 24.70
CA LYS A 154 33.31 -12.31 25.51
C LYS A 154 34.57 -12.28 24.66
N ILE A 155 35.64 -11.75 25.24
CA ILE A 155 36.94 -11.67 24.58
C ILE A 155 37.93 -12.40 25.48
N ASP A 156 38.38 -13.58 25.04
CA ASP A 156 39.27 -14.43 25.84
C ASP A 156 38.68 -14.70 27.22
N GLY A 157 37.38 -14.97 27.26
CA GLY A 157 36.70 -15.30 28.49
C GLY A 157 36.13 -14.14 29.29
N SER A 158 36.54 -12.90 29.02
CA SER A 158 36.07 -11.74 29.75
C SER A 158 34.96 -11.02 28.99
N GLU A 159 33.91 -10.65 29.71
CA GLU A 159 32.80 -9.95 29.07
C GLU A 159 33.23 -8.55 28.65
N ARG A 160 32.79 -8.14 27.46
CA ARG A 160 33.00 -6.79 26.95
C ARG A 160 31.66 -6.18 26.57
N GLN A 161 31.42 -4.95 27.04
CA GLN A 161 30.26 -4.16 26.69
C GLN A 161 30.67 -2.94 25.89
N ASN A 162 31.91 -2.54 26.04
CA ASN A 162 32.53 -1.34 25.52
C ASN A 162 32.70 -1.50 24.00
N GLY A 163 31.95 -0.72 23.24
CA GLY A 163 32.08 -0.72 21.80
C GLY A 163 31.03 -1.56 21.07
N VAL A 164 29.92 -1.92 21.73
CA VAL A 164 28.89 -2.79 21.17
C VAL A 164 27.78 -1.95 20.58
N LEU A 165 27.38 -2.26 19.35
CA LEU A 165 26.30 -1.56 18.66
C LEU A 165 25.22 -2.57 18.27
N ASN A 166 24.02 -2.38 18.80
CA ASN A 166 22.93 -3.32 18.61
C ASN A 166 21.82 -2.71 17.76
N SER A 167 21.13 -3.56 17.02
CA SER A 167 20.02 -3.11 16.21
C SER A 167 19.02 -4.25 16.08
N TRP A 168 17.73 -3.91 16.08
CA TRP A 168 16.64 -4.86 16.08
C TRP A 168 15.68 -4.52 14.94
N THR A 169 15.12 -5.55 14.31
CA THR A 169 14.11 -5.36 13.28
C THR A 169 12.70 -5.31 13.87
N ASP A 170 11.77 -4.75 13.09
CA ASP A 170 10.36 -4.85 13.41
C ASP A 170 9.88 -6.30 13.28
N GLN A 171 8.73 -6.59 13.88
CA GLN A 171 8.18 -7.93 13.76
C GLN A 171 7.99 -8.30 12.29
N ASP A 172 8.44 -9.50 11.93
CA ASP A 172 8.39 -9.89 10.52
C ASP A 172 6.96 -9.97 10.00
N SER A 173 6.77 -9.47 8.78
CA SER A 173 5.47 -9.47 8.12
C SER A 173 4.89 -10.87 8.00
N LYS A 174 5.73 -11.86 7.67
CA LYS A 174 5.25 -13.17 7.23
C LYS A 174 5.28 -14.24 8.32
N ASP A 175 6.33 -14.29 9.14
CA ASP A 175 6.43 -15.34 10.14
C ASP A 175 6.39 -14.80 11.55
N SER A 176 6.31 -13.50 11.74
CA SER A 176 6.02 -12.88 13.02
C SER A 176 7.19 -12.99 13.98
N THR A 177 8.39 -13.22 13.46
CA THR A 177 9.57 -13.34 14.31
C THR A 177 10.27 -11.98 14.41
N TYR A 178 11.31 -11.94 15.24
CA TYR A 178 12.15 -10.78 15.42
C TYR A 178 13.58 -11.16 15.11
N SER A 179 14.39 -10.16 14.74
CA SER A 179 15.80 -10.38 14.40
C SER A 179 16.65 -9.28 15.03
N MET A 180 17.89 -9.62 15.35
CA MET A 180 18.79 -8.70 16.00
C MET A 180 20.18 -8.80 15.40
N SER A 181 20.84 -7.65 15.29
CA SER A 181 22.23 -7.57 14.85
C SER A 181 23.06 -6.94 15.97
N SER A 182 24.15 -7.60 16.36
CA SER A 182 25.07 -7.04 17.36
C SER A 182 26.46 -6.94 16.75
N THR A 183 27.07 -5.76 16.87
CA THR A 183 28.38 -5.50 16.27
C THR A 183 29.33 -5.00 17.34
N LEU A 184 30.43 -5.71 17.52
CA LEU A 184 31.48 -5.31 18.45
C LEU A 184 32.62 -4.71 17.65
N THR A 185 32.83 -3.41 17.76
CA THR A 185 33.88 -2.73 17.01
C THR A 185 35.05 -2.37 17.93
N LEU A 186 36.23 -2.84 17.56
CA LEU A 186 37.48 -2.50 18.21
C LEU A 186 38.39 -1.81 17.20
N THR A 187 39.51 -1.29 17.68
CA THR A 187 40.60 -0.92 16.81
C THR A 187 41.37 -2.17 16.39
N LYS A 188 42.01 -2.10 15.23
CA LYS A 188 42.85 -3.22 14.80
C LYS A 188 43.91 -3.57 15.85
N ASP A 189 44.56 -2.54 16.41
CA ASP A 189 45.46 -2.74 17.55
C ASP A 189 44.87 -3.66 18.61
N GLU A 190 43.74 -3.25 19.18
CA GLU A 190 43.13 -4.05 20.25
C GLU A 190 42.73 -5.43 19.75
N TYR A 191 42.20 -5.51 18.52
CA TYR A 191 41.69 -6.77 18.00
C TYR A 191 42.76 -7.83 17.88
N GLU A 192 43.99 -7.45 17.51
CA GLU A 192 45.05 -8.42 17.27
C GLU A 192 45.83 -8.77 18.53
N ARG A 193 45.44 -8.24 19.68
CA ARG A 193 46.02 -8.64 20.96
C ARG A 193 45.28 -9.80 21.61
N HIS A 194 44.08 -10.14 21.15
CA HIS A 194 43.27 -11.18 21.77
C HIS A 194 43.06 -12.29 20.76
N ASN A 195 42.62 -13.45 21.26
CA ASN A 195 42.44 -14.62 20.42
C ASN A 195 40.98 -15.03 20.26
N SER A 196 40.25 -15.19 21.36
CA SER A 196 38.92 -15.78 21.34
C SER A 196 37.85 -14.70 21.39
N TYR A 197 36.86 -14.81 20.50
CA TYR A 197 35.75 -13.87 20.42
C TYR A 197 34.46 -14.68 20.36
N THR A 198 33.50 -14.31 21.20
CA THR A 198 32.28 -15.08 21.43
C THR A 198 31.12 -14.10 21.59
N CYS A 199 30.01 -14.40 20.91
CA CYS A 199 28.71 -13.81 21.24
C CYS A 199 27.83 -14.92 21.82
N GLU A 200 27.14 -14.60 22.91
CA GLU A 200 26.28 -15.53 23.63
C GLU A 200 24.83 -15.04 23.57
N ALA A 201 23.94 -15.89 23.08
CA ALA A 201 22.53 -15.54 22.91
C ALA A 201 21.72 -16.13 24.06
N THR A 202 21.15 -15.28 24.90
CA THR A 202 20.28 -15.71 25.99
C THR A 202 18.83 -15.46 25.58
N HIS A 203 18.03 -16.52 25.55
CA HIS A 203 16.65 -16.43 25.08
C HIS A 203 15.80 -17.41 25.87
N LYS A 204 14.51 -17.09 25.96
CA LYS A 204 13.60 -17.90 26.78
C LYS A 204 13.40 -19.30 26.20
N THR A 205 13.75 -19.52 24.93
CA THR A 205 13.59 -20.84 24.33
C THR A 205 14.58 -21.87 24.88
N SER A 206 15.55 -21.45 25.68
CA SER A 206 16.50 -22.40 26.20
C SER A 206 17.00 -21.92 27.56
N THR A 207 17.57 -22.84 28.31
CA THR A 207 18.18 -22.50 29.58
C THR A 207 19.69 -22.31 29.49
N SER A 208 20.33 -22.86 28.46
CA SER A 208 21.74 -22.58 28.17
C SER A 208 21.84 -21.59 27.02
N PRO A 209 22.72 -20.60 27.09
CA PRO A 209 22.81 -19.64 25.99
C PRO A 209 23.35 -20.31 24.74
N ILE A 210 23.00 -19.74 23.60
CA ILE A 210 23.58 -20.15 22.34
C ILE A 210 24.89 -19.41 22.16
N VAL A 211 25.96 -20.17 21.94
CA VAL A 211 27.33 -19.65 21.92
C VAL A 211 27.90 -19.87 20.53
N LYS A 212 28.28 -18.78 19.86
CA LYS A 212 28.99 -18.84 18.59
C LYS A 212 30.33 -18.14 18.78
N SER A 213 31.40 -18.75 18.30
CA SER A 213 32.74 -18.31 18.67
C SER A 213 33.69 -18.48 17.50
N PHE A 214 34.81 -17.76 17.57
CA PHE A 214 35.92 -18.03 16.68
C PHE A 214 37.21 -17.58 17.35
N ASN A 215 38.30 -18.20 16.93
CA ASN A 215 39.65 -17.86 17.36
C ASN A 215 40.32 -17.06 16.25
N ARG A 216 41.00 -15.98 16.62
CA ARG A 216 41.71 -15.21 15.61
C ARG A 216 42.82 -16.02 14.99
N ASN A 217 43.41 -16.96 15.75
CA ASN A 217 44.49 -17.81 15.24
C ASN A 217 43.98 -18.94 14.34
N GLU A 218 43.12 -18.64 13.36
CA GLU A 218 42.60 -19.72 12.52
C GLU A 218 42.27 -19.27 11.09
N GLN B 1 -7.35 20.20 2.62
CA GLN B 1 -7.46 19.54 3.92
C GLN B 1 -6.36 20.04 4.87
N VAL B 2 -6.58 19.86 6.18
CA VAL B 2 -5.57 20.26 7.16
C VAL B 2 -4.30 19.44 6.95
N GLN B 3 -3.18 20.15 6.78
CA GLN B 3 -1.89 19.50 6.62
C GLN B 3 -0.82 20.33 7.32
N LEU B 4 0.16 19.64 7.88
CA LEU B 4 1.34 20.23 8.48
C LEU B 4 2.55 19.61 7.80
N GLN B 5 3.39 20.44 7.20
CA GLN B 5 4.50 19.97 6.38
C GLN B 5 5.82 20.28 7.08
N GLN B 6 6.66 19.24 7.21
CA GLN B 6 7.93 19.36 7.91
C GLN B 6 9.06 18.87 7.00
N PRO B 7 10.23 19.50 7.06
CA PRO B 7 11.39 18.94 6.35
C PRO B 7 11.69 17.54 6.88
N GLY B 8 12.32 16.72 6.02
CA GLY B 8 12.56 15.34 6.40
C GLY B 8 13.65 15.21 7.45
N ALA B 9 14.73 15.97 7.30
CA ALA B 9 15.87 15.82 8.19
C ALA B 9 16.66 17.12 8.27
N GLU B 10 17.36 17.29 9.39
CA GLU B 10 18.29 18.39 9.59
C GLU B 10 19.55 17.82 10.23
N PHE B 11 20.71 18.27 9.76
CA PHE B 11 21.99 17.79 10.26
C PHE B 11 22.70 18.94 10.93
N VAL B 12 23.19 18.71 12.14
CA VAL B 12 23.69 19.78 12.99
C VAL B 12 24.86 19.24 13.80
N LYS B 13 25.85 20.08 14.01
CA LYS B 13 27.05 19.75 14.77
C LYS B 13 26.83 19.96 16.27
N PRO B 14 27.55 19.26 17.13
CA PRO B 14 27.40 19.50 18.57
C PRO B 14 27.78 20.93 18.92
N GLY B 15 27.04 21.50 19.87
CA GLY B 15 27.21 22.88 20.27
C GLY B 15 26.53 23.90 19.38
N ALA B 16 26.12 23.51 18.18
CA ALA B 16 25.45 24.44 17.30
C ALA B 16 23.95 24.47 17.58
N SER B 17 23.24 25.26 16.80
CA SER B 17 21.79 25.37 16.90
C SER B 17 21.17 24.83 15.63
N VAL B 18 19.92 24.43 15.74
CA VAL B 18 19.14 23.95 14.60
C VAL B 18 17.82 24.71 14.59
N ARG B 19 17.25 24.87 13.40
CA ARG B 19 15.95 25.52 13.23
C ARG B 19 15.09 24.64 12.35
N MET B 20 13.93 24.24 12.87
CA MET B 20 12.99 23.38 12.18
C MET B 20 11.69 24.13 11.92
N SER B 21 11.04 23.75 10.82
CA SER B 21 9.86 24.45 10.35
C SER B 21 8.66 23.53 10.25
N CYS B 22 7.48 24.10 10.40
CA CYS B 22 6.23 23.38 10.21
C CYS B 22 5.28 24.29 9.47
N LYS B 23 5.04 24.01 8.19
CA LYS B 23 4.20 24.85 7.36
C LYS B 23 2.76 24.34 7.41
N ALA B 24 1.85 25.16 7.94
CA ALA B 24 0.46 24.77 8.10
C ALA B 24 -0.37 25.22 6.91
N SER B 25 -1.43 24.46 6.63
CA SER B 25 -2.35 24.77 5.54
C SER B 25 -3.68 24.05 5.76
N GLY B 26 -4.72 24.59 5.15
CA GLY B 26 -6.06 24.02 5.21
C GLY B 26 -6.96 24.51 6.31
N TYR B 27 -6.54 25.53 7.07
CA TYR B 27 -7.35 26.05 8.16
C TYR B 27 -6.81 27.42 8.55
N THR B 28 -7.51 28.10 9.46
CA THR B 28 -7.08 29.41 9.94
C THR B 28 -5.89 29.25 10.86
N PHE B 29 -4.71 29.62 10.36
CA PHE B 29 -3.46 29.32 11.05
C PHE B 29 -3.41 29.93 12.45
N THR B 30 -3.92 31.15 12.59
CA THR B 30 -3.76 31.90 13.83
C THR B 30 -4.73 31.47 14.94
N SER B 31 -5.58 30.49 14.70
CA SER B 31 -6.60 30.14 15.67
C SER B 31 -6.28 28.89 16.49
N TYR B 32 -5.29 28.11 16.08
CA TYR B 32 -4.99 26.84 16.72
C TYR B 32 -3.57 26.79 17.25
N TRP B 33 -3.41 26.29 18.47
CA TRP B 33 -2.08 26.07 19.02
C TRP B 33 -1.29 25.11 18.14
N ILE B 34 0.03 25.29 18.13
CA ILE B 34 0.95 24.36 17.51
C ILE B 34 1.88 23.83 18.59
N ALA B 35 1.95 22.51 18.71
CA ALA B 35 2.81 21.87 19.70
C ALA B 35 3.94 21.11 19.01
N TRP B 36 5.04 20.97 19.74
CA TRP B 36 6.20 20.23 19.27
C TRP B 36 6.43 19.06 20.20
N VAL B 37 6.59 17.87 19.61
CA VAL B 37 6.72 16.62 20.35
C VAL B 37 8.00 15.90 19.91
N LYS B 38 8.79 15.48 20.88
CA LYS B 38 10.07 14.84 20.65
C LYS B 38 9.95 13.33 20.89
N GLN B 39 10.62 12.54 20.07
CA GLN B 39 10.66 11.09 20.22
C GLN B 39 12.06 10.58 19.93
N ARG B 40 12.73 10.08 20.97
CA ARG B 40 14.02 9.44 20.79
C ARG B 40 13.83 8.07 20.15
N PRO B 41 14.86 7.55 19.44
CA PRO B 41 14.67 6.40 18.53
C PRO B 41 13.81 5.25 19.06
N GLY B 42 14.14 4.69 20.21
CA GLY B 42 13.33 3.60 20.72
C GLY B 42 12.32 3.97 21.79
N GLN B 43 12.07 5.25 22.01
CA GLN B 43 11.33 5.73 23.17
C GLN B 43 9.94 6.25 22.80
N GLY B 44 9.26 6.83 23.79
CA GLY B 44 7.93 7.36 23.63
C GLY B 44 7.92 8.83 23.26
N LEU B 45 6.75 9.44 23.40
CA LEU B 45 6.53 10.82 22.98
C LEU B 45 6.66 11.78 24.15
N GLU B 46 7.27 12.92 23.89
CA GLU B 46 7.47 13.96 24.92
C GLU B 46 7.09 15.34 24.39
N TRP B 47 6.27 16.07 25.15
CA TRP B 47 5.92 17.45 24.79
C TRP B 47 7.11 18.38 25.09
N ILE B 48 7.48 19.20 24.13
CA ILE B 48 8.64 20.11 24.26
C ILE B 48 8.09 21.51 24.52
N GLY B 49 6.99 21.85 23.87
CA GLY B 49 6.46 23.18 24.05
C GLY B 49 5.43 23.42 22.98
N ASP B 50 4.68 24.50 23.15
CA ASP B 50 3.70 24.90 22.15
C ASP B 50 3.66 26.41 22.03
N ILE B 51 3.05 26.88 20.93
CA ILE B 51 2.94 28.29 20.62
C ILE B 51 1.56 28.55 20.04
N TYR B 52 0.95 29.68 20.44
CA TYR B 52 -0.32 30.12 19.89
C TYR B 52 -0.05 31.11 18.76
N PRO B 53 -0.25 30.72 17.49
CA PRO B 53 0.13 31.61 16.37
C PRO B 53 -0.62 32.93 16.35
N GLY B 54 -1.72 33.08 17.06
CA GLY B 54 -2.45 34.35 17.03
C GLY B 54 -1.63 35.46 17.65
N SER B 55 -1.00 35.19 18.79
CA SER B 55 -0.20 36.18 19.51
C SER B 55 1.29 35.89 19.55
N GLY B 56 1.70 34.64 19.43
CA GLY B 56 3.07 34.23 19.68
C GLY B 56 3.34 33.82 21.11
N TYR B 57 2.29 33.59 21.89
CA TYR B 57 2.44 33.11 23.27
C TYR B 57 3.05 31.72 23.28
N THR B 58 4.04 31.50 24.13
CA THR B 58 4.78 30.24 24.16
C THR B 58 4.72 29.59 25.54
N ASN B 59 4.77 28.25 25.52
CA ASN B 59 4.98 27.41 26.68
C ASN B 59 6.13 26.47 26.38
N TYR B 60 6.99 26.24 27.39
CA TYR B 60 8.15 25.37 27.21
C TYR B 60 8.16 24.33 28.32
N ASN B 61 8.72 23.17 27.97
CA ASN B 61 9.01 22.13 28.95
C ASN B 61 10.25 22.55 29.74
N GLY B 62 10.20 22.41 31.06
CA GLY B 62 11.31 22.81 31.91
C GLY B 62 12.58 22.05 31.63
N LYS B 63 12.48 20.86 31.04
CA LYS B 63 13.64 19.97 30.95
C LYS B 63 14.62 20.40 29.87
N LEU B 64 14.23 21.32 28.98
CA LEU B 64 15.14 21.90 28.02
C LEU B 64 16.02 22.99 28.62
N LYS B 65 15.63 23.57 29.76
CA LYS B 65 16.34 24.67 30.41
C LYS B 65 16.63 25.83 29.45
N ASN B 66 15.54 26.43 28.98
CA ASN B 66 15.58 27.60 28.10
C ASN B 66 16.56 27.46 26.94
N ARG B 67 16.61 26.27 26.34
CA ARG B 67 17.32 26.12 25.08
C ARG B 67 16.40 26.14 23.87
N ALA B 68 15.13 25.80 24.02
CA ALA B 68 14.20 25.83 22.91
C ALA B 68 13.52 27.19 22.80
N THR B 69 13.38 27.66 21.57
CA THR B 69 12.69 28.92 21.26
C THR B 69 11.70 28.64 20.13
N LEU B 70 10.43 28.90 20.38
CA LEU B 70 9.37 28.71 19.40
C LEU B 70 8.93 30.06 18.85
N THR B 71 8.68 30.12 17.54
CA THR B 71 8.22 31.33 16.88
C THR B 71 7.22 30.93 15.81
N VAL B 72 6.49 31.92 15.29
CA VAL B 72 5.61 31.72 14.16
C VAL B 72 5.82 32.86 13.17
N ASP B 73 5.53 32.58 11.90
CA ASP B 73 5.50 33.57 10.84
C ASP B 73 4.11 33.52 10.23
N THR B 74 3.24 34.44 10.66
CA THR B 74 1.85 34.39 10.22
C THR B 74 1.71 34.64 8.72
N SER B 75 2.70 35.26 8.08
CA SER B 75 2.60 35.55 6.66
C SER B 75 2.85 34.33 5.80
N SER B 76 3.55 33.33 6.31
CA SER B 76 3.78 32.09 5.58
C SER B 76 3.09 30.89 6.23
N ASN B 77 2.31 31.11 7.29
CA ASN B 77 1.62 30.03 8.02
C ASN B 77 2.60 28.94 8.45
N THR B 78 3.72 29.39 9.01
CA THR B 78 4.83 28.51 9.36
C THR B 78 5.18 28.71 10.83
N ALA B 79 5.31 27.60 11.55
CA ALA B 79 5.79 27.59 12.92
C ALA B 79 7.24 27.09 12.93
N TYR B 80 8.05 27.67 13.81
CA TYR B 80 9.46 27.36 13.89
C TYR B 80 9.82 26.90 15.29
N MET B 81 10.73 25.95 15.36
CA MET B 81 11.36 25.56 16.61
C MET B 81 12.86 25.65 16.42
N GLN B 82 13.52 26.33 17.34
CA GLN B 82 14.96 26.45 17.37
C GLN B 82 15.47 25.81 18.65
N LEU B 83 16.57 25.06 18.54
CA LEU B 83 17.17 24.41 19.68
C LEU B 83 18.66 24.74 19.68
N SER B 84 19.16 25.21 20.82
CA SER B 84 20.53 25.70 20.94
C SER B 84 21.39 24.70 21.71
N SER B 85 22.70 24.78 21.47
CA SER B 85 23.70 23.99 22.21
C SER B 85 23.38 22.51 22.19
N LEU B 86 23.19 21.98 20.99
CA LEU B 86 22.75 20.60 20.86
C LEU B 86 23.85 19.64 21.32
N THR B 87 23.43 18.59 21.99
CA THR B 87 24.27 17.42 22.28
C THR B 87 23.58 16.21 21.65
N SER B 88 24.21 15.04 21.81
CA SER B 88 23.67 13.82 21.23
C SER B 88 22.31 13.45 21.80
N GLU B 89 22.01 13.91 23.03
CA GLU B 89 20.71 13.63 23.63
C GLU B 89 19.56 14.38 22.95
N ASP B 90 19.85 15.33 22.06
CA ASP B 90 18.82 15.96 21.27
C ASP B 90 18.60 15.27 19.91
N SER B 91 19.39 14.26 19.59
CA SER B 91 19.13 13.43 18.40
C SER B 91 17.80 12.70 18.54
N ALA B 92 16.82 13.05 17.72
CA ALA B 92 15.48 12.50 17.83
C ALA B 92 14.66 12.94 16.63
N VAL B 93 13.42 12.46 16.56
CA VAL B 93 12.43 12.93 15.61
C VAL B 93 11.55 13.95 16.32
N TYR B 94 11.31 15.08 15.67
CA TYR B 94 10.50 16.17 16.22
C TYR B 94 9.24 16.33 15.36
N TYR B 95 8.08 16.18 16.00
CA TYR B 95 6.80 16.22 15.32
C TYR B 95 6.12 17.57 15.52
N CYS B 96 5.66 18.16 14.44
CA CYS B 96 4.62 19.18 14.47
C CYS B 96 3.25 18.54 14.74
N THR B 97 2.51 19.06 15.72
CA THR B 97 1.11 18.67 15.89
C THR B 97 0.24 19.88 16.24
N ARG B 98 -1.01 19.84 15.79
CA ARG B 98 -1.93 20.95 15.95
C ARG B 98 -2.79 20.77 17.20
N GLY B 99 -2.85 21.80 18.03
CA GLY B 99 -3.63 21.76 19.25
C GLY B 99 -5.05 22.24 19.04
N GLY B 100 -5.64 22.74 20.12
CA GLY B 100 -6.98 23.29 20.06
C GLY B 100 -6.95 24.79 19.84
N THR B 101 -8.10 25.41 20.02
CA THR B 101 -8.19 26.86 20.01
C THR B 101 -8.13 27.35 21.45
N THR B 102 -8.19 28.67 21.63
CA THR B 102 -8.28 29.25 22.96
C THR B 102 -9.64 29.02 23.62
N PHE B 103 -10.65 28.56 22.86
CA PHE B 103 -11.99 28.33 23.39
C PHE B 103 -12.35 26.86 23.52
N VAL B 104 -11.85 25.98 22.65
CA VAL B 104 -12.12 24.55 22.73
C VAL B 104 -10.81 23.78 22.74
N ALA B 105 -10.72 22.78 23.60
CA ALA B 105 -9.55 21.94 23.72
C ALA B 105 -9.72 20.60 23.01
N GLU B 106 -10.90 20.34 22.43
CA GLU B 106 -11.17 19.04 21.83
C GLU B 106 -10.27 18.68 20.65
N PRO B 107 -9.84 19.61 19.79
CA PRO B 107 -9.03 19.22 18.63
C PRO B 107 -7.59 18.87 18.94
N TRP B 108 -7.17 18.85 20.21
CA TRP B 108 -5.76 18.64 20.53
C TRP B 108 -5.25 17.32 19.96
N LEU B 109 -4.12 17.41 19.22
CA LEU B 109 -3.40 16.30 18.60
C LEU B 109 -4.14 15.66 17.45
N ALA B 110 -5.13 16.36 16.87
CA ALA B 110 -5.91 15.76 15.78
C ALA B 110 -5.13 15.66 14.47
N TYR B 111 -4.09 16.47 14.28
CA TYR B 111 -3.28 16.44 13.07
C TYR B 111 -1.81 16.52 13.42
N TRP B 112 -0.99 15.75 12.68
CA TRP B 112 0.44 15.65 12.93
C TRP B 112 1.19 15.87 11.63
N GLY B 113 2.40 16.42 11.75
CA GLY B 113 3.33 16.39 10.64
C GLY B 113 4.03 15.05 10.55
N GLN B 114 4.80 14.87 9.47
CA GLN B 114 5.51 13.61 9.29
C GLN B 114 6.79 13.54 10.12
N GLY B 115 7.13 14.60 10.86
CA GLY B 115 8.30 14.60 11.70
C GLY B 115 9.59 14.94 10.99
N THR B 116 10.50 15.59 11.71
CA THR B 116 11.83 15.94 11.21
C THR B 116 12.86 15.21 12.03
N LEU B 117 13.68 14.39 11.36
CA LEU B 117 14.76 13.67 12.03
C LEU B 117 15.94 14.63 12.23
N VAL B 118 16.36 14.81 13.48
CA VAL B 118 17.52 15.64 13.81
C VAL B 118 18.63 14.73 14.31
N ALA B 119 19.73 14.69 13.58
CA ALA B 119 20.89 13.89 13.96
C ALA B 119 22.03 14.83 14.31
N VAL B 120 22.53 14.75 15.54
CA VAL B 120 23.63 15.57 16.00
C VAL B 120 24.94 14.81 15.80
N SER B 121 25.84 15.38 15.00
CA SER B 121 27.10 14.72 14.69
C SER B 121 28.10 15.76 14.23
N ALA B 122 29.37 15.53 14.57
CA ALA B 122 30.46 16.37 14.09
C ALA B 122 30.82 16.07 12.64
N ALA B 123 30.23 15.05 12.04
CA ALA B 123 30.66 14.61 10.73
C ALA B 123 30.02 15.45 9.64
N SER B 124 30.74 15.56 8.53
CA SER B 124 30.17 16.02 7.28
C SER B 124 29.81 14.79 6.44
N THR B 125 29.25 15.04 5.26
CA THR B 125 28.86 13.96 4.36
C THR B 125 30.03 13.00 4.11
N THR B 126 29.80 11.72 4.43
CA THR B 126 30.83 10.69 4.38
C THR B 126 30.22 9.44 3.74
N PRO B 127 30.85 8.89 2.71
CA PRO B 127 30.31 7.71 2.03
C PRO B 127 30.57 6.46 2.85
N PRO B 128 29.82 5.39 2.62
CA PRO B 128 30.00 4.17 3.43
C PRO B 128 31.17 3.33 2.93
N SER B 129 31.76 2.61 3.87
CA SER B 129 32.60 1.45 3.58
C SER B 129 31.74 0.20 3.75
N VAL B 130 31.82 -0.71 2.78
CA VAL B 130 30.97 -1.90 2.76
C VAL B 130 31.87 -3.12 2.91
N TYR B 131 31.61 -3.91 3.96
CA TYR B 131 32.42 -5.06 4.31
C TYR B 131 31.61 -6.33 4.15
N PRO B 132 32.15 -7.34 3.48
CA PRO B 132 31.41 -8.60 3.33
C PRO B 132 31.46 -9.44 4.60
N LEU B 133 30.37 -10.15 4.86
CA LEU B 133 30.28 -11.08 5.98
C LEU B 133 30.09 -12.47 5.37
N ALA B 134 31.17 -13.23 5.33
CA ALA B 134 31.24 -14.60 4.85
C ALA B 134 31.54 -15.55 6.01
N PRO B 135 31.01 -16.78 5.98
CA PRO B 135 31.20 -17.70 7.10
C PRO B 135 32.67 -17.98 7.34
N GLY B 136 33.10 -17.78 8.58
CA GLY B 136 34.46 -18.10 8.99
C GLY B 136 34.77 -19.56 8.81
N ASN B 142 25.41 -27.39 7.13
CA ASN B 142 23.96 -27.17 7.30
C ASN B 142 23.28 -26.88 5.95
N SER B 143 21.95 -27.00 5.92
CA SER B 143 21.21 -26.79 4.69
C SER B 143 21.11 -25.32 4.31
N MET B 144 21.18 -24.42 5.28
CA MET B 144 21.11 -22.99 5.02
C MET B 144 22.42 -22.34 5.43
N VAL B 145 22.78 -21.28 4.72
CA VAL B 145 23.97 -20.50 5.04
C VAL B 145 23.54 -19.03 5.15
N THR B 146 24.09 -18.32 6.13
CA THR B 146 23.77 -16.93 6.38
C THR B 146 24.97 -16.07 5.99
N LEU B 147 24.72 -15.10 5.09
CA LEU B 147 25.71 -14.14 4.64
C LEU B 147 25.26 -12.73 5.01
N GLY B 148 26.20 -11.79 4.96
CA GLY B 148 25.86 -10.43 5.34
C GLY B 148 26.82 -9.43 4.76
N CYS B 149 26.45 -8.17 4.93
CA CYS B 149 27.32 -7.08 4.54
C CYS B 149 27.14 -5.96 5.54
N LEU B 150 28.25 -5.52 6.10
CA LEU B 150 28.30 -4.50 7.15
C LEU B 150 28.65 -3.16 6.53
N VAL B 151 27.81 -2.16 6.79
CA VAL B 151 27.90 -0.83 6.18
C VAL B 151 28.23 0.18 7.28
N LYS B 152 29.44 0.73 7.25
CA LYS B 152 29.97 1.52 8.35
C LYS B 152 30.49 2.87 7.89
N GLY B 153 30.49 3.83 8.81
CA GLY B 153 31.27 5.03 8.63
C GLY B 153 30.69 6.05 7.66
N TYR B 154 29.38 6.06 7.48
CA TYR B 154 28.76 7.01 6.57
C TYR B 154 27.96 8.05 7.35
N PHE B 155 27.65 9.15 6.67
CA PHE B 155 26.82 10.21 7.20
C PHE B 155 26.38 11.08 6.04
N PRO B 156 25.10 11.48 5.97
CA PRO B 156 24.03 11.12 6.89
C PRO B 156 23.18 9.96 6.35
N GLU B 157 22.06 9.69 7.03
CA GLU B 157 21.07 8.74 6.53
C GLU B 157 20.34 9.30 5.32
N PRO B 158 19.78 8.44 4.45
CA PRO B 158 19.81 6.97 4.51
C PRO B 158 20.77 6.31 3.53
N VAL B 159 21.06 5.04 3.80
CA VAL B 159 21.57 4.12 2.79
C VAL B 159 20.50 3.05 2.60
N THR B 160 20.39 2.57 1.37
CA THR B 160 19.53 1.44 1.05
C THR B 160 20.40 0.26 0.66
N VAL B 161 19.94 -0.92 1.03
CA VAL B 161 20.64 -2.18 0.75
C VAL B 161 19.69 -3.10 0.00
N THR B 162 20.16 -3.66 -1.09
CA THR B 162 19.46 -4.76 -1.76
C THR B 162 20.46 -5.89 -2.00
N TRP B 163 19.93 -7.05 -2.37
CA TRP B 163 20.72 -8.23 -2.66
C TRP B 163 20.42 -8.71 -4.07
N ASN B 164 21.48 -8.95 -4.85
CA ASN B 164 21.38 -9.32 -6.27
C ASN B 164 20.45 -8.35 -7.00
N SER B 165 20.71 -7.05 -6.80
CA SER B 165 19.96 -5.94 -7.39
C SER B 165 18.45 -6.08 -7.18
N GLY B 166 18.04 -6.55 -6.01
CA GLY B 166 16.64 -6.67 -5.68
C GLY B 166 16.01 -8.03 -6.02
N SER B 167 16.69 -8.84 -6.84
CA SER B 167 16.13 -10.15 -7.18
C SER B 167 16.10 -11.07 -5.96
N LEU B 168 17.00 -10.89 -4.99
CA LEU B 168 17.05 -11.69 -3.78
C LEU B 168 16.41 -10.89 -2.64
N SER B 169 15.17 -11.21 -2.31
CA SER B 169 14.43 -10.49 -1.31
C SER B 169 13.90 -11.36 -0.17
N SER B 170 13.73 -12.66 -0.38
CA SER B 170 13.32 -13.56 0.69
C SER B 170 14.48 -13.84 1.63
N GLY B 171 14.17 -13.93 2.93
CA GLY B 171 15.18 -14.24 3.91
C GLY B 171 16.21 -13.14 4.13
N VAL B 172 15.82 -11.89 3.93
CA VAL B 172 16.70 -10.74 4.06
C VAL B 172 16.28 -9.96 5.29
N HIS B 173 17.27 -9.62 6.12
CA HIS B 173 17.06 -8.76 7.29
C HIS B 173 18.00 -7.58 7.18
N THR B 174 17.46 -6.41 6.90
CA THR B 174 18.24 -5.18 6.89
C THR B 174 17.93 -4.43 8.17
N PHE B 175 18.93 -4.26 9.02
CA PHE B 175 18.69 -3.70 10.34
C PHE B 175 18.78 -2.19 10.30
N PRO B 176 17.96 -1.50 11.10
CA PRO B 176 17.98 -0.03 11.09
C PRO B 176 19.35 0.52 11.50
N ALA B 177 19.71 1.64 10.89
CA ALA B 177 21.00 2.26 11.14
C ALA B 177 21.08 2.84 12.55
N VAL B 178 22.28 2.82 13.12
CA VAL B 178 22.53 3.35 14.44
C VAL B 178 23.69 4.33 14.37
N LEU B 179 23.49 5.52 14.91
CA LEU B 179 24.53 6.55 14.98
C LEU B 179 25.41 6.34 16.20
N GLN B 180 26.73 6.29 15.98
CA GLN B 180 27.66 6.12 17.09
C GLN B 180 29.00 6.74 16.70
N SER B 181 29.56 7.55 17.60
CA SER B 181 30.77 8.32 17.33
C SER B 181 30.64 9.07 16.00
N ASP B 182 29.54 9.80 15.85
CA ASP B 182 29.26 10.71 14.74
C ASP B 182 29.00 10.03 13.41
N LEU B 183 29.12 8.70 13.31
CA LEU B 183 28.91 8.02 12.04
C LEU B 183 27.89 6.90 12.23
N TYR B 184 27.19 6.58 11.14
CA TYR B 184 26.16 5.56 11.16
C TYR B 184 26.73 4.18 10.83
N THR B 185 26.08 3.16 11.39
CA THR B 185 26.44 1.77 11.09
C THR B 185 25.15 1.00 10.84
N LEU B 186 25.12 0.22 9.75
CA LEU B 186 24.05 -0.75 9.61
C LEU B 186 24.61 -2.03 9.00
N SER B 187 23.78 -3.07 9.08
CA SER B 187 24.12 -4.38 8.56
C SER B 187 22.87 -4.96 7.90
N SER B 188 23.10 -6.00 7.12
CA SER B 188 22.03 -6.71 6.46
C SER B 188 22.48 -8.15 6.32
N SER B 189 21.61 -9.08 6.69
CA SER B 189 21.85 -10.51 6.54
C SER B 189 20.92 -11.06 5.47
N VAL B 190 21.38 -12.12 4.82
CA VAL B 190 20.57 -12.87 3.87
C VAL B 190 20.88 -14.35 4.11
N THR B 191 19.84 -15.17 4.14
CA THR B 191 19.96 -16.61 4.34
C THR B 191 19.53 -17.30 3.06
N VAL B 192 20.42 -18.11 2.50
CA VAL B 192 20.13 -18.83 1.25
C VAL B 192 20.51 -20.29 1.44
N PRO B 193 19.99 -21.18 0.60
CA PRO B 193 20.37 -22.57 0.68
C PRO B 193 21.85 -22.74 0.36
N SER B 194 22.51 -23.61 1.12
CA SER B 194 23.92 -23.91 0.88
C SER B 194 24.15 -24.41 -0.54
N SER B 195 23.17 -25.11 -1.12
CA SER B 195 23.31 -25.58 -2.50
C SER B 195 23.54 -24.41 -3.44
N THR B 196 22.98 -23.23 -3.14
CA THR B 196 23.07 -22.13 -4.10
C THR B 196 24.25 -21.19 -3.86
N TRP B 197 24.91 -21.25 -2.71
CA TRP B 197 26.12 -20.45 -2.50
C TRP B 197 27.26 -21.33 -2.01
N PRO B 198 28.49 -21.18 -2.54
CA PRO B 198 28.97 -20.14 -3.47
C PRO B 198 28.86 -20.47 -4.97
N SER B 199 28.16 -21.53 -5.35
CA SER B 199 28.05 -21.85 -6.77
C SER B 199 27.32 -20.77 -7.56
N GLU B 200 26.36 -20.09 -6.93
CA GLU B 200 25.67 -18.93 -7.50
C GLU B 200 26.01 -17.69 -6.69
N THR B 201 26.34 -16.60 -7.37
CA THR B 201 26.86 -15.43 -6.68
C THR B 201 25.80 -14.74 -5.82
N VAL B 202 26.27 -14.08 -4.76
CA VAL B 202 25.46 -13.29 -3.86
C VAL B 202 26.20 -11.96 -3.69
N THR B 203 25.52 -10.86 -4.02
CA THR B 203 26.10 -9.51 -4.00
C THR B 203 25.17 -8.58 -3.25
N CYS B 204 25.71 -7.81 -2.30
CA CYS B 204 24.91 -6.75 -1.68
C CYS B 204 25.15 -5.42 -2.38
N ASN B 205 24.06 -4.72 -2.70
CA ASN B 205 24.11 -3.42 -3.34
C ASN B 205 23.76 -2.35 -2.33
N VAL B 206 24.69 -1.40 -2.15
CA VAL B 206 24.55 -0.32 -1.18
C VAL B 206 24.53 1.00 -1.94
N ALA B 207 23.51 1.81 -1.70
CA ALA B 207 23.38 3.13 -2.30
C ALA B 207 23.35 4.19 -1.20
N HIS B 208 24.13 5.26 -1.37
CA HIS B 208 24.17 6.38 -0.43
C HIS B 208 23.95 7.67 -1.21
N PRO B 209 22.69 8.09 -1.37
CA PRO B 209 22.41 9.25 -2.21
C PRO B 209 23.12 10.53 -1.77
N ALA B 210 23.28 10.75 -0.47
CA ALA B 210 23.86 12.01 -0.02
C ALA B 210 25.28 12.20 -0.53
N SER B 211 26.03 11.10 -0.72
CA SER B 211 27.38 11.23 -1.26
C SER B 211 27.46 10.77 -2.70
N SER B 212 26.32 10.51 -3.35
CA SER B 212 26.29 10.10 -4.75
C SER B 212 27.20 8.88 -4.96
N THR B 213 27.03 7.88 -4.10
CA THR B 213 27.86 6.68 -4.08
C THR B 213 26.99 5.45 -4.19
N LYS B 214 27.44 4.46 -4.97
CA LYS B 214 26.89 3.11 -4.98
C LYS B 214 28.03 2.12 -4.87
N VAL B 215 27.84 1.07 -4.06
CA VAL B 215 28.85 0.02 -3.88
C VAL B 215 28.20 -1.33 -4.09
N ASP B 216 28.87 -2.20 -4.84
CA ASP B 216 28.49 -3.60 -4.99
C ASP B 216 29.59 -4.44 -4.34
N LYS B 217 29.20 -5.33 -3.44
CA LYS B 217 30.13 -6.24 -2.78
C LYS B 217 29.65 -7.66 -3.00
N LYS B 218 30.37 -8.40 -3.82
CA LYS B 218 30.12 -9.83 -3.95
C LYS B 218 30.65 -10.54 -2.72
N ILE B 219 29.83 -11.43 -2.16
CA ILE B 219 30.23 -12.23 -1.00
C ILE B 219 30.91 -13.49 -1.51
N VAL B 220 32.23 -13.57 -1.33
CA VAL B 220 33.00 -14.73 -1.75
C VAL B 220 33.40 -15.50 -0.51
N PRO B 221 33.52 -16.83 -0.56
CA PRO B 221 33.89 -17.57 0.64
C PRO B 221 35.21 -17.07 1.20
N ARG B 222 35.31 -17.07 2.53
CA ARG B 222 36.47 -16.57 3.23
C ARG B 222 37.57 -17.64 3.29
N ASP B 223 38.80 -17.17 3.47
CA ASP B 223 39.93 -18.07 3.68
C ASP B 223 40.76 -17.58 4.87
N GLN C 1 -33.08 14.84 -27.35
CA GLN C 1 -31.91 13.97 -27.34
C GLN C 1 -30.83 14.54 -26.41
N VAL C 2 -31.01 14.35 -25.09
CA VAL C 2 -30.00 14.78 -24.13
C VAL C 2 -28.72 14.00 -24.35
N GLN C 3 -27.60 14.71 -24.48
CA GLN C 3 -26.30 14.06 -24.65
C GLN C 3 -25.23 14.80 -23.88
N LEU C 4 -24.27 14.03 -23.37
CA LEU C 4 -23.08 14.55 -22.72
C LEU C 4 -21.87 13.97 -23.43
N GLN C 5 -21.01 14.82 -23.94
CA GLN C 5 -19.89 14.37 -24.76
C GLN C 5 -18.58 14.58 -24.02
N GLN C 6 -17.82 13.50 -23.89
CA GLN C 6 -16.55 13.46 -23.20
C GLN C 6 -15.48 12.87 -24.12
N PRO C 7 -14.26 13.40 -24.07
CA PRO C 7 -13.14 12.75 -24.76
C PRO C 7 -12.94 11.32 -24.28
N GLY C 8 -12.36 10.49 -25.15
CA GLY C 8 -12.22 9.08 -24.83
C GLY C 8 -11.11 8.79 -23.83
N ALA C 9 -9.98 9.48 -23.94
CA ALA C 9 -8.84 9.17 -23.09
C ALA C 9 -7.96 10.40 -22.92
N GLU C 10 -7.25 10.43 -21.79
CA GLU C 10 -6.28 11.48 -21.51
C GLU C 10 -5.02 10.85 -20.91
N PHE C 11 -3.87 11.33 -21.34
CA PHE C 11 -2.59 10.82 -20.87
C PHE C 11 -1.89 11.92 -20.10
N VAL C 12 -1.42 11.59 -18.90
CA VAL C 12 -0.87 12.57 -17.98
C VAL C 12 0.28 11.93 -17.22
N LYS C 13 1.35 12.71 -16.99
CA LYS C 13 2.54 12.30 -16.28
C LYS C 13 2.32 12.48 -14.78
N PRO C 14 3.02 11.70 -13.95
CA PRO C 14 2.86 11.85 -12.50
C PRO C 14 3.27 13.25 -12.09
N GLY C 15 2.52 13.81 -11.14
CA GLY C 15 2.71 15.16 -10.69
C GLY C 15 2.08 16.22 -11.56
N ALA C 16 1.67 15.89 -12.77
CA ALA C 16 1.06 16.88 -13.66
C ALA C 16 -0.45 16.99 -13.40
N SER C 17 -1.10 17.87 -14.15
CA SER C 17 -2.52 18.13 -14.04
C SER C 17 -3.24 17.71 -15.32
N VAL C 18 -4.51 17.40 -15.19
CA VAL C 18 -5.34 17.09 -16.35
C VAL C 18 -6.62 17.91 -16.25
N ARG C 19 -7.23 18.17 -17.40
CA ARG C 19 -8.47 18.91 -17.48
C ARG C 19 -9.41 18.12 -18.38
N MET C 20 -10.56 17.74 -17.86
CA MET C 20 -11.53 16.98 -18.63
C MET C 20 -12.76 17.82 -18.90
N SER C 21 -13.36 17.58 -20.05
CA SER C 21 -14.48 18.37 -20.51
C SER C 21 -15.68 17.48 -20.72
N CYS C 22 -16.85 18.08 -20.55
CA CYS C 22 -18.13 17.41 -20.78
C CYS C 22 -19.05 18.41 -21.47
N LYS C 23 -19.29 18.21 -22.77
CA LYS C 23 -20.12 19.10 -23.56
C LYS C 23 -21.56 18.59 -23.58
N ALA C 24 -22.48 19.40 -23.06
CA ALA C 24 -23.88 19.06 -22.94
C ALA C 24 -24.65 19.56 -24.15
N SER C 25 -25.74 18.86 -24.46
CA SER C 25 -26.60 19.24 -25.58
C SER C 25 -27.96 18.60 -25.39
N GLY C 26 -28.96 19.18 -26.04
CA GLY C 26 -30.31 18.64 -26.03
C GLY C 26 -31.21 19.11 -24.93
N TYR C 27 -30.78 20.08 -24.11
CA TYR C 27 -31.58 20.57 -22.99
C TYR C 27 -31.00 21.91 -22.54
N THR C 28 -31.69 22.54 -21.58
CA THR C 28 -31.26 23.82 -21.03
C THR C 28 -30.10 23.60 -20.07
N PHE C 29 -28.89 23.96 -20.51
CA PHE C 29 -27.68 23.61 -19.79
C PHE C 29 -27.67 24.18 -18.38
N THR C 30 -28.15 25.40 -18.21
CA THR C 30 -28.00 26.07 -16.92
C THR C 30 -29.00 25.61 -15.89
N SER C 31 -29.88 24.67 -16.20
CA SER C 31 -30.95 24.29 -15.28
C SER C 31 -30.68 23.01 -14.53
N TYR C 32 -29.71 22.20 -14.96
CA TYR C 32 -29.47 20.89 -14.38
C TYR C 32 -28.06 20.81 -13.81
N TRP C 33 -27.94 20.20 -12.64
CA TRP C 33 -26.62 19.92 -12.08
C TRP C 33 -25.81 19.03 -13.01
N ILE C 34 -24.49 19.20 -12.96
CA ILE C 34 -23.56 18.28 -13.61
C ILE C 34 -22.71 17.66 -12.50
N ALA C 35 -22.68 16.34 -12.44
CA ALA C 35 -21.88 15.64 -11.45
C ALA C 35 -20.80 14.81 -12.15
N TRP C 36 -19.69 14.59 -11.43
CA TRP C 36 -18.57 13.79 -11.92
C TRP C 36 -18.38 12.58 -11.03
N VAL C 37 -18.27 11.41 -11.67
CA VAL C 37 -18.22 10.13 -10.98
C VAL C 37 -16.95 9.41 -11.44
N LYS C 38 -16.18 8.92 -10.47
CA LYS C 38 -14.92 8.25 -10.74
C LYS C 38 -15.09 6.74 -10.54
N GLN C 39 -14.47 5.96 -11.41
CA GLN C 39 -14.52 4.50 -11.32
C GLN C 39 -13.14 3.94 -11.64
N ARG C 40 -12.46 3.40 -10.65
CA ARG C 40 -11.18 2.74 -10.85
C ARG C 40 -11.37 1.34 -11.41
N PRO C 41 -10.38 0.84 -12.18
CA PRO C 41 -10.53 -0.46 -12.85
C PRO C 41 -10.96 -1.57 -11.90
N GLY C 42 -12.05 -2.26 -12.24
CA GLY C 42 -12.60 -3.31 -11.42
C GLY C 42 -13.29 -2.87 -10.14
N GLN C 43 -13.50 -1.57 -9.94
CA GLN C 43 -14.07 -1.04 -8.72
C GLN C 43 -15.47 -0.48 -8.98
N GLY C 44 -16.07 0.12 -7.95
CA GLY C 44 -17.39 0.69 -8.05
C GLY C 44 -17.37 2.18 -8.40
N LEU C 45 -18.52 2.81 -8.23
CA LEU C 45 -18.72 4.20 -8.60
C LEU C 45 -18.55 5.11 -7.39
N GLU C 46 -17.85 6.23 -7.57
CA GLU C 46 -17.56 7.15 -6.49
C GLU C 46 -17.83 8.59 -6.93
N TRP C 47 -18.68 9.27 -6.17
CA TRP C 47 -19.00 10.68 -6.43
C TRP C 47 -17.81 11.58 -6.12
N ILE C 48 -17.45 12.42 -7.07
CA ILE C 48 -16.33 13.34 -6.95
C ILE C 48 -16.79 14.74 -6.55
N GLY C 49 -17.87 15.20 -7.16
CA GLY C 49 -18.37 16.53 -6.91
C GLY C 49 -19.36 16.89 -7.99
N ASP C 50 -20.07 17.98 -7.76
CA ASP C 50 -21.00 18.46 -8.77
C ASP C 50 -20.97 19.98 -8.81
N ILE C 51 -21.55 20.51 -9.89
CA ILE C 51 -21.59 21.95 -10.14
C ILE C 51 -22.95 22.27 -10.74
N TYR C 52 -23.55 23.38 -10.30
CA TYR C 52 -24.79 23.90 -10.87
C TYR C 52 -24.45 24.93 -11.94
N PRO C 53 -24.54 24.61 -13.23
CA PRO C 53 -24.08 25.57 -14.26
C PRO C 53 -24.85 26.88 -14.30
N GLY C 54 -26.02 26.95 -13.68
CA GLY C 54 -26.77 28.20 -13.69
C GLY C 54 -26.07 29.28 -12.90
N SER C 55 -25.51 28.94 -11.77
CA SER C 55 -24.79 29.90 -10.94
C SER C 55 -23.29 29.61 -10.81
N GLY C 56 -22.85 28.36 -10.95
CA GLY C 56 -21.49 27.99 -10.65
C GLY C 56 -21.22 27.51 -9.24
N TYR C 57 -22.27 27.20 -8.46
CA TYR C 57 -22.10 26.60 -7.13
C TYR C 57 -21.49 25.22 -7.25
N THR C 58 -20.51 24.91 -6.39
CA THR C 58 -19.81 23.65 -6.43
C THR C 58 -19.97 22.90 -5.11
N ASN C 59 -19.98 21.58 -5.22
CA ASN C 59 -19.90 20.67 -4.05
C ASN C 59 -18.75 19.72 -4.37
N TYR C 60 -17.89 19.40 -3.41
CA TYR C 60 -16.75 18.51 -3.63
C TYR C 60 -16.76 17.37 -2.62
N ASN C 61 -16.25 16.23 -3.05
CA ASN C 61 -16.03 15.12 -2.14
C ASN C 61 -14.79 15.41 -1.30
N GLY C 62 -14.89 15.18 0.01
CA GLY C 62 -13.78 15.46 0.90
C GLY C 62 -12.52 14.65 0.63
N LYS C 63 -12.64 13.46 0.03
CA LYS C 63 -11.47 12.59 -0.02
C LYS C 63 -10.53 13.01 -1.14
N LEU C 64 -11.06 13.74 -2.14
CA LEU C 64 -10.24 14.51 -3.06
C LEU C 64 -10.02 15.81 -2.34
N LYS C 65 -8.88 15.92 -1.66
CA LYS C 65 -8.61 17.05 -0.77
C LYS C 65 -8.43 18.35 -1.54
N ASN C 66 -9.51 18.81 -2.17
CA ASN C 66 -9.54 20.03 -2.95
C ASN C 66 -8.37 20.07 -3.94
N ARG C 67 -8.13 18.94 -4.60
CA ARG C 67 -7.31 18.87 -5.78
C ARG C 67 -8.14 18.91 -7.05
N ALA C 68 -9.42 18.57 -6.94
CA ALA C 68 -10.34 18.67 -8.06
C ALA C 68 -10.97 20.05 -8.07
N THR C 69 -11.11 20.63 -9.26
CA THR C 69 -11.75 21.92 -9.45
C THR C 69 -12.78 21.79 -10.55
N LEU C 70 -14.02 22.15 -10.24
CA LEU C 70 -15.12 22.08 -11.21
C LEU C 70 -15.48 23.47 -11.68
N THR C 71 -15.66 23.61 -13.00
CA THR C 71 -16.09 24.86 -13.62
C THR C 71 -17.02 24.55 -14.79
N VAL C 72 -17.74 25.57 -15.24
CA VAL C 72 -18.58 25.45 -16.43
C VAL C 72 -18.34 26.65 -17.33
N ASP C 73 -18.62 26.44 -18.61
CA ASP C 73 -18.63 27.51 -19.61
C ASP C 73 -20.03 27.51 -20.20
N THR C 74 -20.88 28.43 -19.73
CA THR C 74 -22.24 28.50 -20.22
C THR C 74 -22.31 28.92 -21.68
N SER C 75 -21.25 29.56 -22.20
CA SER C 75 -21.26 29.99 -23.59
C SER C 75 -21.06 28.83 -24.55
N SER C 76 -20.41 27.75 -24.10
CA SER C 76 -20.22 26.55 -24.89
C SER C 76 -20.96 25.34 -24.32
N ASN C 77 -21.75 25.52 -23.26
CA ASN C 77 -22.47 24.43 -22.60
C ASN C 77 -21.51 23.31 -22.19
N THR C 78 -20.39 23.70 -21.60
CA THR C 78 -19.32 22.77 -21.29
C THR C 78 -19.00 22.86 -19.81
N ALA C 79 -18.96 21.71 -19.14
CA ALA C 79 -18.51 21.58 -17.76
C ALA C 79 -17.11 21.00 -17.76
N TYR C 80 -16.27 21.48 -16.85
CA TYR C 80 -14.88 21.06 -16.82
C TYR C 80 -14.54 20.50 -15.45
N MET C 81 -13.70 19.48 -15.43
CA MET C 81 -13.12 19.02 -14.19
C MET C 81 -11.59 19.02 -14.31
N GLN C 82 -10.94 19.65 -13.36
CA GLN C 82 -9.49 19.71 -13.32
C GLN C 82 -8.99 18.99 -12.08
N LEU C 83 -7.94 18.18 -12.25
CA LEU C 83 -7.35 17.41 -11.16
C LEU C 83 -5.85 17.65 -11.15
N SER C 84 -5.30 17.95 -9.98
CA SER C 84 -3.90 18.34 -9.80
C SER C 84 -3.09 17.23 -9.15
N SER C 85 -1.77 17.24 -9.40
CA SER C 85 -0.80 16.38 -8.74
C SER C 85 -1.20 14.91 -8.84
N LEU C 86 -1.36 14.45 -10.07
CA LEU C 86 -1.87 13.10 -10.30
C LEU C 86 -0.83 12.06 -9.90
N THR C 87 -1.31 10.99 -9.28
CA THR C 87 -0.54 9.77 -9.07
C THR C 87 -1.29 8.61 -9.72
N SER C 88 -0.72 7.41 -9.60
CA SER C 88 -1.37 6.24 -10.17
C SER C 88 -2.73 5.97 -9.54
N GLU C 89 -2.98 6.47 -8.34
CA GLU C 89 -4.29 6.28 -7.72
C GLU C 89 -5.39 7.09 -8.38
N ASP C 90 -5.05 8.04 -9.24
CA ASP C 90 -6.04 8.80 -10.01
C ASP C 90 -6.33 8.16 -11.37
N SER C 91 -5.63 7.09 -11.73
CA SER C 91 -5.92 6.31 -12.93
C SER C 91 -7.32 5.68 -12.87
N ALA C 92 -8.24 6.15 -13.70
CA ALA C 92 -9.62 5.67 -13.62
C ALA C 92 -10.38 6.21 -14.82
N VAL C 93 -11.64 5.81 -14.93
CA VAL C 93 -12.58 6.40 -15.87
C VAL C 93 -13.36 7.45 -15.11
N TYR C 94 -13.51 8.63 -15.72
CA TYR C 94 -14.23 9.73 -15.11
C TYR C 94 -15.48 10.00 -15.94
N TYR C 95 -16.65 9.84 -15.33
CA TYR C 95 -17.93 9.97 -15.99
C TYR C 95 -18.53 11.34 -15.70
N CYS C 96 -18.94 12.02 -16.77
CA CYS C 96 -19.93 13.09 -16.71
C CYS C 96 -21.34 12.52 -16.56
N THR C 97 -22.10 13.02 -15.57
CA THR C 97 -23.51 12.68 -15.48
C THR C 97 -24.38 13.89 -15.11
N ARG C 98 -25.61 13.90 -15.60
CA ARG C 98 -26.53 15.01 -15.38
C ARG C 98 -27.43 14.74 -14.18
N GLY C 99 -27.50 15.69 -13.27
CA GLY C 99 -28.32 15.60 -12.07
C GLY C 99 -29.71 16.15 -12.26
N GLY C 100 -30.29 16.65 -11.16
CA GLY C 100 -31.58 17.29 -11.19
C GLY C 100 -31.46 18.79 -11.33
N THR C 101 -32.58 19.48 -11.14
CA THR C 101 -32.62 20.93 -11.04
C THR C 101 -32.60 21.35 -9.57
N THR C 102 -32.65 22.66 -9.35
CA THR C 102 -32.78 23.15 -7.98
C THR C 102 -34.18 22.93 -7.42
N PHE C 103 -35.16 22.54 -8.25
CA PHE C 103 -36.53 22.32 -7.81
C PHE C 103 -36.98 20.86 -7.79
N VAL C 104 -36.47 20.00 -8.68
CA VAL C 104 -36.82 18.58 -8.69
C VAL C 104 -35.55 17.73 -8.72
N ALA C 105 -35.51 16.70 -7.89
CA ALA C 105 -34.36 15.81 -7.82
C ALA C 105 -34.57 14.52 -8.61
N GLU C 106 -35.74 14.37 -9.24
CA GLU C 106 -36.05 13.14 -9.96
C GLU C 106 -35.10 12.82 -11.11
N PRO C 107 -34.56 13.77 -11.88
CA PRO C 107 -33.72 13.39 -13.02
C PRO C 107 -32.31 12.95 -12.69
N TRP C 108 -31.89 12.89 -11.42
CA TRP C 108 -30.50 12.62 -11.07
C TRP C 108 -30.02 11.30 -11.70
N LEU C 109 -28.89 11.39 -12.42
CA LEU C 109 -28.23 10.27 -13.08
C LEU C 109 -29.01 9.71 -14.25
N ALA C 110 -29.95 10.47 -14.81
CA ALA C 110 -30.72 9.96 -15.94
C ALA C 110 -29.89 9.89 -17.22
N TYR C 111 -28.84 10.68 -17.35
CA TYR C 111 -28.02 10.66 -18.55
C TYR C 111 -26.54 10.67 -18.17
N TRP C 112 -25.73 9.92 -18.91
CA TRP C 112 -24.32 9.77 -18.62
C TRP C 112 -23.48 10.04 -19.86
N GLY C 113 -22.27 10.55 -19.64
CA GLY C 113 -21.27 10.58 -20.68
C GLY C 113 -20.65 9.22 -20.87
N GLN C 114 -19.82 9.10 -21.90
CA GLN C 114 -19.15 7.83 -22.14
C GLN C 114 -17.92 7.64 -21.28
N GLY C 115 -17.58 8.60 -20.45
CA GLY C 115 -16.42 8.47 -19.58
C GLY C 115 -15.13 8.82 -20.29
N THR C 116 -14.18 9.36 -19.54
CA THR C 116 -12.86 9.68 -20.04
C THR C 116 -11.84 8.82 -19.30
N LEU C 117 -11.11 8.00 -20.04
CA LEU C 117 -10.08 7.15 -19.45
C LEU C 117 -8.82 7.98 -19.16
N VAL C 118 -8.42 8.05 -17.90
CA VAL C 118 -7.22 8.77 -17.49
C VAL C 118 -6.20 7.75 -17.02
N ALA C 119 -5.10 7.64 -17.74
CA ALA C 119 -4.01 6.76 -17.37
C ALA C 119 -2.82 7.63 -16.98
N VAL C 120 -2.36 7.50 -15.75
CA VAL C 120 -1.21 8.24 -15.26
C VAL C 120 0.03 7.38 -15.50
N SER C 121 0.98 7.93 -16.26
CA SER C 121 2.19 7.20 -16.61
C SER C 121 3.27 8.20 -17.02
N ALA C 122 4.53 7.89 -16.69
CA ALA C 122 5.66 8.69 -17.13
C ALA C 122 6.08 8.39 -18.56
N ALA C 123 5.52 7.35 -19.16
CA ALA C 123 5.99 6.88 -20.45
C ALA C 123 5.39 7.69 -21.59
N SER C 124 6.16 7.81 -22.67
CA SER C 124 5.64 8.27 -23.94
C SER C 124 5.32 7.07 -24.81
N THR C 125 4.84 7.33 -26.02
CA THR C 125 4.49 6.28 -26.96
C THR C 125 5.64 5.31 -27.18
N THR C 126 5.39 4.02 -26.93
CA THR C 126 6.40 2.99 -26.98
C THR C 126 5.78 1.80 -27.69
N PRO C 127 6.43 1.26 -28.71
CA PRO C 127 5.87 0.12 -29.43
C PRO C 127 6.04 -1.16 -28.63
N PRO C 128 5.22 -2.17 -28.89
CA PRO C 128 5.28 -3.41 -28.12
C PRO C 128 6.40 -4.32 -28.56
N SER C 129 6.90 -5.10 -27.61
CA SER C 129 7.72 -6.26 -27.90
C SER C 129 6.80 -7.47 -27.90
N VAL C 130 6.92 -8.31 -28.92
CA VAL C 130 6.02 -9.45 -29.10
C VAL C 130 6.82 -10.72 -28.94
N TYR C 131 6.46 -11.53 -27.95
CA TYR C 131 7.20 -12.74 -27.70
C TYR C 131 6.33 -13.95 -27.96
N PRO C 132 6.78 -14.91 -28.76
CA PRO C 132 5.99 -16.13 -28.99
C PRO C 132 6.06 -17.07 -27.81
N LEU C 133 4.96 -17.74 -27.54
CA LEU C 133 4.86 -18.69 -26.43
C LEU C 133 4.60 -20.08 -27.02
N ALA C 134 5.63 -20.88 -27.05
CA ALA C 134 5.55 -22.24 -27.52
C ALA C 134 5.65 -23.21 -26.34
N PRO C 135 4.96 -24.35 -26.41
CA PRO C 135 5.00 -25.31 -25.30
C PRO C 135 6.41 -25.86 -25.11
N GLY C 136 6.86 -25.87 -23.86
CA GLY C 136 8.08 -26.58 -23.53
C GLY C 136 7.97 -28.07 -23.86
N SER C 137 9.13 -28.72 -23.94
CA SER C 137 9.19 -30.12 -24.36
C SER C 137 8.79 -31.04 -23.20
N ALA C 138 7.48 -31.10 -22.95
CA ALA C 138 6.89 -31.97 -21.94
C ALA C 138 5.37 -31.98 -22.10
N ALA C 139 4.76 -33.10 -21.71
CA ALA C 139 3.30 -33.26 -21.68
C ALA C 139 2.68 -33.04 -23.07
N GLN C 140 3.26 -33.71 -24.06
CA GLN C 140 2.85 -33.53 -25.46
C GLN C 140 1.55 -34.29 -25.76
N THR C 141 1.40 -35.50 -25.24
CA THR C 141 0.23 -36.32 -25.56
C THR C 141 -1.00 -35.68 -24.94
N ASN C 142 -1.77 -35.03 -25.80
CA ASN C 142 -3.11 -34.56 -25.54
C ASN C 142 -3.70 -34.24 -26.91
N SER C 143 -5.02 -34.21 -27.00
CA SER C 143 -5.60 -33.93 -28.30
C SER C 143 -5.49 -32.46 -28.68
N MET C 144 -5.38 -31.58 -27.69
CA MET C 144 -5.29 -30.14 -27.92
C MET C 144 -3.98 -29.60 -27.39
N VAL C 145 -3.46 -28.56 -28.06
CA VAL C 145 -2.25 -27.88 -27.61
C VAL C 145 -2.54 -26.38 -27.52
N THR C 146 -1.97 -25.74 -26.52
CA THR C 146 -2.18 -24.32 -26.27
C THR C 146 -0.93 -23.53 -26.61
N LEU C 147 -1.08 -22.53 -27.46
CA LEU C 147 -0.03 -21.60 -27.83
C LEU C 147 -0.39 -20.21 -27.36
N GLY C 148 0.62 -19.33 -27.35
CA GLY C 148 0.40 -18.02 -26.79
C GLY C 148 1.27 -16.97 -27.43
N CYS C 149 0.96 -15.74 -27.08
CA CYS C 149 1.62 -14.55 -27.59
C CYS C 149 1.69 -13.55 -26.44
N LEU C 150 2.89 -13.17 -26.03
CA LEU C 150 3.05 -12.21 -24.93
C LEU C 150 3.45 -10.86 -25.49
N VAL C 151 2.66 -9.84 -25.18
CA VAL C 151 2.86 -8.49 -25.74
C VAL C 151 3.22 -7.57 -24.58
N LYS C 152 4.46 -7.09 -24.56
CA LYS C 152 5.00 -6.40 -23.39
C LYS C 152 5.57 -5.04 -23.74
N GLY C 153 5.48 -4.13 -22.78
CA GLY C 153 6.26 -2.90 -22.82
C GLY C 153 5.76 -1.81 -23.74
N TYR C 154 4.46 -1.73 -24.01
CA TYR C 154 3.95 -0.70 -24.89
C TYR C 154 3.15 0.34 -24.11
N PHE C 155 2.93 1.49 -24.77
CA PHE C 155 2.14 2.58 -24.26
C PHE C 155 1.79 3.48 -25.43
N PRO C 156 0.55 3.95 -25.56
CA PRO C 156 -0.58 3.61 -24.67
C PRO C 156 -1.41 2.48 -25.24
N GLU C 157 -2.56 2.23 -24.62
CA GLU C 157 -3.57 1.35 -25.17
C GLU C 157 -4.22 2.01 -26.40
N PRO C 158 -4.81 1.22 -27.30
CA PRO C 158 -4.91 -0.25 -27.28
C PRO C 158 -3.95 -0.95 -28.23
N VAL C 159 -3.79 -2.23 -27.99
CA VAL C 159 -3.24 -3.17 -28.94
C VAL C 159 -4.34 -4.15 -29.32
N THR C 160 -4.36 -4.59 -30.58
CA THR C 160 -5.28 -5.64 -31.01
C THR C 160 -4.49 -6.88 -31.43
N VAL C 161 -5.02 -8.05 -31.09
CA VAL C 161 -4.36 -9.31 -31.38
C VAL C 161 -5.30 -10.18 -32.18
N THR C 162 -4.80 -10.73 -33.29
CA THR C 162 -5.50 -11.76 -34.05
C THR C 162 -4.54 -12.93 -34.24
N TRP C 163 -5.09 -14.05 -34.69
CA TRP C 163 -4.31 -15.25 -34.96
C TRP C 163 -4.53 -15.63 -36.41
N ASN C 164 -3.42 -15.87 -37.11
CA ASN C 164 -3.43 -16.18 -38.54
C ASN C 164 -4.29 -15.17 -39.31
N SER C 165 -4.03 -13.89 -39.04
CA SER C 165 -4.75 -12.76 -39.64
C SER C 165 -6.27 -12.93 -39.56
N GLY C 166 -6.75 -13.51 -38.45
CA GLY C 166 -8.16 -13.65 -38.22
C GLY C 166 -8.77 -14.97 -38.65
N SER C 167 -8.06 -15.80 -39.44
CA SER C 167 -8.63 -17.07 -39.86
C SER C 167 -8.66 -18.10 -38.74
N LEU C 168 -8.02 -17.81 -37.61
CA LEU C 168 -8.01 -18.68 -36.45
C LEU C 168 -8.67 -17.90 -35.31
N SER C 169 -9.94 -18.21 -35.02
CA SER C 169 -10.69 -17.49 -34.01
C SER C 169 -11.29 -18.37 -32.93
N SER C 170 -11.46 -19.67 -33.18
CA SER C 170 -11.95 -20.57 -32.15
C SER C 170 -10.87 -20.85 -31.13
N GLY C 171 -11.26 -20.93 -29.85
CA GLY C 171 -10.32 -21.24 -28.80
C GLY C 171 -9.31 -20.16 -28.48
N VAL C 172 -9.69 -18.88 -28.62
CA VAL C 172 -8.79 -17.75 -28.41
C VAL C 172 -9.19 -17.01 -27.14
N HIS C 173 -8.21 -16.72 -26.29
CA HIS C 173 -8.40 -15.89 -25.11
C HIS C 173 -7.38 -14.77 -25.18
N THR C 174 -7.83 -13.55 -25.42
CA THR C 174 -6.99 -12.37 -25.35
C THR C 174 -7.32 -11.63 -24.05
N PHE C 175 -6.34 -11.53 -23.17
CA PHE C 175 -6.53 -11.02 -21.82
C PHE C 175 -6.35 -9.50 -21.77
N PRO C 176 -7.14 -8.81 -20.95
CA PRO C 176 -7.07 -7.35 -20.90
C PRO C 176 -5.70 -6.85 -20.46
N ALA C 177 -5.32 -5.71 -21.02
CA ALA C 177 -3.99 -5.18 -20.73
C ALA C 177 -3.93 -4.69 -19.29
N VAL C 178 -2.74 -4.81 -18.70
CA VAL C 178 -2.50 -4.35 -17.34
C VAL C 178 -1.32 -3.39 -17.35
N LEU C 179 -1.54 -2.19 -16.82
CA LEU C 179 -0.49 -1.19 -16.72
C LEU C 179 0.34 -1.40 -15.45
N GLN C 180 1.64 -1.54 -15.61
CA GLN C 180 2.54 -1.71 -14.47
C GLN C 180 3.91 -1.16 -14.83
N SER C 181 4.47 -0.37 -13.92
CA SER C 181 5.73 0.35 -14.17
C SER C 181 5.67 1.11 -15.49
N ASP C 182 4.59 1.87 -15.65
CA ASP C 182 4.36 2.82 -16.74
C ASP C 182 4.11 2.18 -18.10
N LEU C 183 4.22 0.87 -18.25
CA LEU C 183 4.02 0.23 -19.54
C LEU C 183 2.96 -0.86 -19.40
N TYR C 184 2.27 -1.14 -20.50
CA TYR C 184 1.21 -2.13 -20.54
C TYR C 184 1.76 -3.50 -20.91
N THR C 185 1.08 -4.54 -20.44
CA THR C 185 1.37 -5.91 -20.82
C THR C 185 0.03 -6.62 -21.07
N LEU C 186 -0.05 -7.35 -22.17
CA LEU C 186 -1.16 -8.28 -22.34
C LEU C 186 -0.65 -9.57 -22.95
N SER C 187 -1.52 -10.58 -22.94
CA SER C 187 -1.23 -11.89 -23.49
C SER C 187 -2.47 -12.42 -24.19
N SER C 188 -2.24 -13.43 -25.02
CA SER C 188 -3.31 -14.05 -25.78
C SER C 188 -2.94 -15.51 -25.93
N SER C 189 -3.89 -16.39 -25.67
CA SER C 189 -3.69 -17.81 -25.90
C SER C 189 -4.61 -18.28 -27.02
N VAL C 190 -4.17 -19.31 -27.73
CA VAL C 190 -5.00 -19.99 -28.72
C VAL C 190 -4.75 -21.48 -28.55
N THR C 191 -5.82 -22.28 -28.58
CA THR C 191 -5.76 -23.73 -28.41
C THR C 191 -6.14 -24.38 -29.72
N VAL C 192 -5.26 -25.22 -30.26
CA VAL C 192 -5.49 -25.92 -31.53
C VAL C 192 -5.23 -27.41 -31.32
N PRO C 193 -5.71 -28.26 -32.24
CA PRO C 193 -5.43 -29.70 -32.12
C PRO C 193 -3.94 -30.03 -32.28
N SER C 194 -3.48 -30.94 -31.41
CA SER C 194 -2.10 -31.44 -31.45
C SER C 194 -1.77 -32.12 -32.77
N SER C 195 -2.74 -32.85 -33.35
CA SER C 195 -2.48 -33.62 -34.57
C SER C 195 -1.98 -32.75 -35.72
N THR C 196 -2.52 -31.54 -35.85
CA THR C 196 -2.22 -30.69 -36.99
C THR C 196 -1.19 -29.60 -36.70
N TRP C 197 -0.74 -29.46 -35.46
CA TRP C 197 0.31 -28.50 -35.18
C TRP C 197 1.55 -29.24 -34.68
N PRO C 198 2.76 -28.89 -35.16
CA PRO C 198 3.04 -27.70 -35.97
C PRO C 198 2.92 -27.80 -37.49
N SER C 199 2.30 -28.85 -38.03
CA SER C 199 2.23 -28.97 -39.49
C SER C 199 1.44 -27.82 -40.12
N GLU C 200 0.43 -27.30 -39.44
CA GLU C 200 -0.29 -26.13 -39.91
C GLU C 200 0.08 -24.96 -38.99
N THR C 201 0.69 -23.94 -39.56
CA THR C 201 1.35 -22.90 -38.77
C THR C 201 0.33 -22.01 -38.06
N VAL C 202 0.81 -21.40 -36.98
CA VAL C 202 0.03 -20.47 -36.17
C VAL C 202 0.89 -19.23 -35.92
N THR C 203 0.33 -18.07 -36.27
CA THR C 203 0.99 -16.77 -36.16
C THR C 203 0.08 -15.83 -35.38
N CYS C 204 0.62 -15.14 -34.38
CA CYS C 204 -0.10 -14.03 -33.74
C CYS C 204 0.26 -12.71 -34.41
N ASN C 205 -0.77 -11.94 -34.75
CA ASN C 205 -0.63 -10.62 -35.34
C ASN C 205 -0.98 -9.57 -34.29
N VAL C 206 -0.06 -8.66 -34.04
CA VAL C 206 -0.23 -7.61 -33.04
C VAL C 206 -0.18 -6.26 -33.73
N ALA C 207 -1.20 -5.44 -33.51
CA ALA C 207 -1.28 -4.11 -34.06
C ALA C 207 -1.30 -3.11 -32.91
N HIS C 208 -0.48 -2.06 -33.03
CA HIS C 208 -0.41 -0.97 -32.06
C HIS C 208 -0.51 0.34 -32.82
N PRO C 209 -1.72 0.85 -33.06
CA PRO C 209 -1.88 2.05 -33.90
C PRO C 209 -1.12 3.27 -33.40
N ALA C 210 -1.01 3.47 -32.08
CA ALA C 210 -0.38 4.69 -31.56
C ALA C 210 1.07 4.80 -32.00
N SER C 211 1.76 3.68 -32.22
CA SER C 211 3.11 3.70 -32.72
C SER C 211 3.20 3.26 -34.17
N SER C 212 2.05 3.11 -34.83
CA SER C 212 1.99 2.74 -36.25
C SER C 212 2.78 1.46 -36.53
N THR C 213 2.55 0.45 -35.70
CA THR C 213 3.29 -0.80 -35.79
C THR C 213 2.33 -1.98 -35.90
N LYS C 214 2.69 -2.93 -36.75
CA LYS C 214 2.09 -4.25 -36.76
C LYS C 214 3.22 -5.25 -36.80
N VAL C 215 3.12 -6.29 -35.98
CA VAL C 215 4.13 -7.33 -35.87
C VAL C 215 3.45 -8.67 -36.00
N ASP C 216 4.04 -9.57 -36.78
CA ASP C 216 3.61 -10.97 -36.88
C ASP C 216 4.70 -11.85 -36.32
N LYS C 217 4.32 -12.76 -35.41
CA LYS C 217 5.25 -13.73 -34.85
C LYS C 217 4.69 -15.12 -35.09
N LYS C 218 5.37 -15.90 -35.90
CA LYS C 218 5.03 -17.31 -36.01
C LYS C 218 5.45 -18.04 -34.74
N ILE C 219 4.58 -18.89 -34.24
CA ILE C 219 4.89 -19.72 -33.07
C ILE C 219 5.67 -20.92 -33.58
N VAL C 220 6.96 -20.99 -33.27
CA VAL C 220 7.73 -22.13 -33.74
C VAL C 220 8.00 -23.06 -32.57
N PRO C 221 7.95 -24.38 -32.79
CA PRO C 221 8.23 -25.33 -31.71
C PRO C 221 9.66 -25.16 -31.20
N ARG C 222 9.85 -25.46 -29.92
CA ARG C 222 11.18 -25.31 -29.36
C ARG C 222 12.07 -26.49 -29.76
N ASP C 223 13.38 -26.26 -29.75
CA ASP C 223 14.39 -27.28 -30.04
C ASP C 223 14.14 -28.59 -29.28
N ASP D 1 -21.38 9.90 6.06
CA ASP D 1 -22.00 9.63 4.74
C ASP D 1 -22.86 8.36 4.86
N VAL D 2 -23.93 8.28 4.09
CA VAL D 2 -24.84 7.11 4.17
C VAL D 2 -24.16 5.92 3.51
N VAL D 3 -24.04 4.82 4.24
CA VAL D 3 -23.45 3.59 3.72
C VAL D 3 -24.55 2.78 3.04
N MET D 4 -24.33 2.42 1.78
CA MET D 4 -25.27 1.64 0.98
C MET D 4 -24.67 0.26 0.76
N THR D 5 -25.34 -0.78 1.27
CA THR D 5 -24.84 -2.15 1.22
C THR D 5 -25.70 -3.00 0.29
N GLN D 6 -25.07 -3.50 -0.77
CA GLN D 6 -25.77 -4.33 -1.77
C GLN D 6 -25.55 -5.82 -1.46
N THR D 7 -26.62 -6.60 -1.45
CA THR D 7 -26.56 -8.01 -1.00
C THR D 7 -26.60 -8.90 -2.22
N ALA D 8 -25.79 -9.94 -2.16
CA ALA D 8 -25.49 -10.75 -3.34
C ALA D 8 -24.37 -9.92 -3.98
N LEU D 9 -23.13 -10.06 -3.53
CA LEU D 9 -22.01 -9.41 -4.25
C LEU D 9 -21.97 -10.00 -5.66
N THR D 10 -22.22 -11.30 -5.78
CA THR D 10 -22.37 -11.92 -7.10
C THR D 10 -23.65 -12.75 -7.08
N LEU D 11 -24.48 -12.62 -8.10
CA LEU D 11 -25.68 -13.47 -8.24
C LEU D 11 -25.55 -14.27 -9.53
N SER D 12 -25.48 -15.59 -9.41
CA SER D 12 -25.45 -16.46 -10.57
C SER D 12 -26.87 -16.77 -11.02
N VAL D 13 -27.22 -16.33 -12.23
CA VAL D 13 -28.57 -16.42 -12.75
C VAL D 13 -28.58 -17.33 -13.98
N THR D 14 -29.77 -17.79 -14.36
CA THR D 14 -29.95 -18.54 -15.59
C THR D 14 -31.03 -17.86 -16.43
N ILE D 15 -30.77 -17.77 -17.75
CA ILE D 15 -31.68 -17.08 -18.66
C ILE D 15 -33.08 -17.68 -18.54
N GLY D 16 -34.09 -16.80 -18.42
CA GLY D 16 -35.44 -17.29 -18.27
C GLY D 16 -35.88 -17.55 -16.84
N GLN D 17 -35.04 -17.27 -15.86
CA GLN D 17 -35.38 -17.47 -14.46
C GLN D 17 -35.41 -16.13 -13.72
N PRO D 18 -36.08 -16.05 -12.57
CA PRO D 18 -36.14 -14.79 -11.83
C PRO D 18 -34.78 -14.48 -11.23
N ALA D 19 -34.66 -13.25 -10.71
CA ALA D 19 -33.48 -12.79 -10.01
C ALA D 19 -33.90 -11.70 -9.05
N SER D 20 -33.16 -11.58 -7.95
CA SER D 20 -33.49 -10.59 -6.92
C SER D 20 -32.21 -10.13 -6.25
N ILE D 21 -32.05 -8.81 -6.09
CA ILE D 21 -30.90 -8.23 -5.39
C ILE D 21 -31.40 -7.15 -4.44
N SER D 22 -30.63 -6.92 -3.38
CA SER D 22 -31.06 -6.03 -2.31
C SER D 22 -30.04 -4.93 -2.05
N CYS D 23 -30.56 -3.77 -1.65
CA CYS D 23 -29.76 -2.62 -1.25
C CYS D 23 -30.25 -2.15 0.11
N LYS D 24 -29.39 -2.20 1.13
CA LYS D 24 -29.71 -1.69 2.45
C LYS D 24 -28.89 -0.43 2.77
N SER D 25 -29.56 0.59 3.31
CA SER D 25 -28.91 1.85 3.67
C SER D 25 -28.80 1.98 5.18
N SER D 26 -27.72 2.60 5.63
CA SER D 26 -27.46 2.82 7.04
C SER D 26 -28.36 3.89 7.63
N GLN D 27 -29.13 4.62 6.79
CA GLN D 27 -30.06 5.62 7.29
C GLN D 27 -31.35 5.45 6.51
N SER D 28 -32.46 5.92 7.06
CA SER D 28 -33.69 5.95 6.27
C SER D 28 -33.53 6.88 5.07
N LEU D 29 -33.93 6.41 3.91
CA LEU D 29 -33.84 7.23 2.71
C LEU D 29 -35.10 8.05 2.45
N LEU D 30 -36.10 8.00 3.34
CA LEU D 30 -37.29 8.81 3.14
C LEU D 30 -36.96 10.28 3.40
N ASP D 31 -37.13 11.13 2.39
CA ASP D 31 -36.83 12.55 2.50
C ASP D 31 -37.99 13.29 3.17
N SER D 32 -37.67 14.45 3.75
CA SER D 32 -38.67 15.25 4.46
C SER D 32 -39.81 15.69 3.54
N ASP D 33 -39.62 15.64 2.22
CA ASP D 33 -40.67 16.01 1.30
C ASP D 33 -41.58 14.84 0.90
N GLY D 34 -41.45 13.69 1.58
CA GLY D 34 -42.28 12.54 1.31
C GLY D 34 -41.74 11.55 0.30
N LYS D 35 -40.72 11.92 -0.47
CA LYS D 35 -40.15 11.05 -1.49
C LYS D 35 -38.92 10.33 -0.96
N THR D 36 -38.55 9.26 -1.66
CA THR D 36 -37.40 8.42 -1.33
C THR D 36 -36.49 8.37 -2.55
N TYR D 37 -35.30 8.97 -2.43
CA TYR D 37 -34.43 9.18 -3.60
C TYR D 37 -33.43 8.04 -3.72
N LEU D 38 -33.94 6.90 -4.18
CA LEU D 38 -33.20 5.67 -4.38
C LEU D 38 -33.29 5.33 -5.86
N ASN D 39 -32.15 5.24 -6.53
CA ASN D 39 -32.07 4.85 -7.94
C ASN D 39 -31.33 3.53 -8.07
N TRP D 40 -31.67 2.79 -9.14
CA TRP D 40 -30.95 1.58 -9.53
C TRP D 40 -30.32 1.79 -10.90
N LEU D 41 -29.05 1.39 -11.04
CA LEU D 41 -28.33 1.53 -12.29
C LEU D 41 -27.73 0.19 -12.73
N LEU D 42 -27.65 0.02 -14.03
CA LEU D 42 -27.00 -1.16 -14.63
C LEU D 42 -25.80 -0.69 -15.44
N GLN D 43 -24.65 -1.29 -15.19
CA GLN D 43 -23.45 -1.03 -15.99
C GLN D 43 -23.07 -2.33 -16.70
N ARG D 44 -23.39 -2.39 -17.99
CA ARG D 44 -22.98 -3.53 -18.81
C ARG D 44 -21.49 -3.44 -19.16
N PRO D 45 -20.84 -4.57 -19.43
CA PRO D 45 -19.40 -4.53 -19.70
C PRO D 45 -19.05 -3.55 -20.83
N GLY D 46 -18.08 -2.68 -20.54
CA GLY D 46 -17.58 -1.67 -21.47
C GLY D 46 -18.41 -0.41 -21.60
N GLN D 47 -19.50 -0.27 -20.85
CA GLN D 47 -20.42 0.82 -21.05
C GLN D 47 -20.49 1.73 -19.82
N SER D 48 -21.06 2.91 -20.02
CA SER D 48 -21.46 3.75 -18.91
C SER D 48 -22.64 3.13 -18.16
N PRO D 49 -22.75 3.43 -16.87
CA PRO D 49 -23.97 3.06 -16.13
C PRO D 49 -25.20 3.61 -16.83
N LYS D 50 -26.30 2.89 -16.68
CA LYS D 50 -27.62 3.32 -17.16
C LYS D 50 -28.59 3.26 -16.02
N ARG D 51 -29.43 4.29 -15.88
CA ARG D 51 -30.44 4.28 -14.84
C ARG D 51 -31.58 3.40 -15.30
N LEU D 52 -31.99 2.46 -14.44
CA LEU D 52 -33.17 1.67 -14.72
C LEU D 52 -34.37 2.14 -13.93
N ILE D 53 -34.15 2.50 -12.68
CA ILE D 53 -35.23 2.84 -11.75
C ILE D 53 -34.80 4.05 -10.92
N TYR D 54 -35.71 5.01 -10.80
CA TYR D 54 -35.59 6.15 -9.89
C TYR D 54 -36.82 6.17 -9.00
N LEU D 55 -36.72 6.83 -7.84
CA LEU D 55 -37.91 7.02 -7.02
C LEU D 55 -38.58 5.67 -6.73
N VAL D 56 -38.12 4.97 -5.70
CA VAL D 56 -37.84 3.54 -5.60
C VAL D 56 -38.37 2.60 -6.69
N SER D 57 -39.55 2.87 -7.25
CA SER D 57 -40.16 1.90 -8.14
C SER D 57 -40.42 2.40 -9.55
N LYS D 58 -39.93 3.56 -9.94
CA LYS D 58 -40.33 4.14 -11.20
C LYS D 58 -39.35 3.72 -12.30
N LEU D 59 -39.90 3.13 -13.37
CA LEU D 59 -39.11 2.63 -14.47
C LEU D 59 -38.74 3.75 -15.42
N ASP D 60 -37.50 3.73 -15.90
CA ASP D 60 -37.07 4.71 -16.88
C ASP D 60 -37.69 4.41 -18.24
N SER D 61 -37.76 5.45 -19.06
CA SER D 61 -38.13 5.32 -20.47
C SER D 61 -37.41 4.17 -21.14
N GLY D 62 -38.18 3.20 -21.64
CA GLY D 62 -37.64 2.12 -22.42
C GLY D 62 -37.20 0.91 -21.63
N VAL D 63 -37.21 1.00 -20.31
CA VAL D 63 -36.76 -0.15 -19.50
C VAL D 63 -37.86 -1.22 -19.52
N PRO D 64 -37.54 -2.46 -19.87
CA PRO D 64 -38.58 -3.49 -20.01
C PRO D 64 -39.31 -3.78 -18.69
N ASP D 65 -40.57 -4.20 -18.83
CA ASP D 65 -41.47 -4.49 -17.72
C ASP D 65 -40.92 -5.54 -16.75
N ARG D 66 -39.89 -6.30 -17.16
CA ARG D 66 -39.34 -7.37 -16.36
C ARG D 66 -38.76 -6.87 -15.07
N PHE D 67 -38.30 -5.62 -15.07
CA PHE D 67 -37.73 -5.00 -13.91
C PHE D 67 -38.80 -4.47 -12.96
N THR D 68 -38.59 -4.70 -11.67
CA THR D 68 -39.50 -4.23 -10.63
C THR D 68 -38.64 -3.81 -9.45
N GLY D 69 -38.80 -2.57 -9.02
CA GLY D 69 -38.11 -2.04 -7.85
C GLY D 69 -39.12 -1.85 -6.74
N SER D 70 -38.68 -2.09 -5.51
CA SER D 70 -39.56 -1.97 -4.34
C SER D 70 -38.73 -1.75 -3.09
N GLY D 71 -39.41 -1.46 -2.00
CA GLY D 71 -38.77 -1.22 -0.72
C GLY D 71 -39.23 0.08 -0.10
N SER D 72 -38.73 0.34 1.11
CA SER D 72 -39.04 1.56 1.84
C SER D 72 -38.02 1.73 2.96
N GLY D 73 -37.81 2.98 3.36
CA GLY D 73 -36.98 3.21 4.53
C GLY D 73 -35.53 2.88 4.32
N THR D 74 -35.09 1.75 4.88
CA THR D 74 -33.71 1.31 4.82
C THR D 74 -33.48 0.09 3.93
N ASP D 75 -34.53 -0.55 3.42
CA ASP D 75 -34.43 -1.85 2.75
C ASP D 75 -35.05 -1.74 1.37
N PHE D 76 -34.27 -2.09 0.33
CA PHE D 76 -34.71 -1.95 -1.05
C PHE D 76 -34.33 -3.18 -1.85
N THR D 77 -35.12 -3.46 -2.88
CA THR D 77 -34.95 -4.68 -3.65
C THR D 77 -35.17 -4.41 -5.13
N LEU D 78 -34.34 -5.03 -5.96
CA LEU D 78 -34.52 -5.03 -7.41
C LEU D 78 -34.77 -6.47 -7.86
N LYS D 79 -35.80 -6.66 -8.68
CA LYS D 79 -36.19 -8.00 -9.14
C LYS D 79 -36.33 -8.01 -10.65
N ILE D 80 -35.96 -9.13 -11.25
CA ILE D 80 -36.15 -9.38 -12.68
C ILE D 80 -37.01 -10.63 -12.78
N SER D 81 -38.15 -10.54 -13.48
CA SER D 81 -39.08 -11.66 -13.52
C SER D 81 -38.47 -12.86 -14.23
N ARG D 82 -37.93 -12.62 -15.42
CA ARG D 82 -37.21 -13.57 -16.28
C ARG D 82 -35.96 -12.87 -16.82
N VAL D 83 -34.78 -13.32 -16.39
CA VAL D 83 -33.53 -12.68 -16.77
C VAL D 83 -33.22 -12.94 -18.23
N GLU D 84 -32.75 -11.92 -18.97
CA GLU D 84 -32.17 -12.24 -20.27
C GLU D 84 -30.76 -11.69 -20.39
N ALA D 85 -30.08 -12.13 -21.46
CA ALA D 85 -28.69 -11.84 -21.71
C ALA D 85 -28.36 -10.35 -21.60
N GLU D 86 -29.30 -9.47 -21.99
CA GLU D 86 -29.02 -8.05 -21.90
C GLU D 86 -29.04 -7.52 -20.47
N ASP D 87 -29.41 -8.35 -19.49
CA ASP D 87 -29.46 -7.91 -18.10
C ASP D 87 -28.17 -8.18 -17.35
N LEU D 88 -27.23 -8.89 -17.95
CA LEU D 88 -26.01 -9.21 -17.24
C LEU D 88 -25.14 -7.96 -17.12
N GLY D 89 -24.47 -7.85 -16.00
CA GLY D 89 -23.64 -6.71 -15.70
C GLY D 89 -23.60 -6.49 -14.21
N VAL D 90 -23.26 -5.27 -13.82
CA VAL D 90 -23.18 -4.89 -12.42
C VAL D 90 -24.27 -3.89 -12.12
N TYR D 91 -25.03 -4.14 -11.06
CA TYR D 91 -26.13 -3.27 -10.64
C TYR D 91 -25.69 -2.45 -9.44
N TYR D 92 -25.93 -1.14 -9.50
CA TYR D 92 -25.59 -0.22 -8.42
C TYR D 92 -26.86 0.47 -7.93
N CYS D 93 -27.07 0.50 -6.61
CA CYS D 93 -28.03 1.42 -6.01
C CYS D 93 -27.37 2.75 -5.68
N TRP D 94 -28.19 3.79 -5.60
CA TRP D 94 -27.70 5.17 -5.35
C TRP D 94 -28.69 5.92 -4.48
N GLN D 95 -28.18 6.71 -3.54
CA GLN D 95 -29.04 7.55 -2.68
C GLN D 95 -28.79 9.03 -2.94
N GLY D 96 -29.85 9.80 -3.10
CA GLY D 96 -29.76 11.27 -3.21
C GLY D 96 -30.53 12.01 -2.12
N THR D 97 -30.99 11.30 -1.09
CA THR D 97 -31.75 11.91 0.04
C THR D 97 -30.83 12.73 0.95
N HIS D 98 -29.65 12.20 1.24
CA HIS D 98 -28.69 12.84 2.17
C HIS D 98 -27.55 13.51 1.38
N PHE D 99 -26.98 14.62 1.86
CA PHE D 99 -26.07 15.47 1.03
C PHE D 99 -24.86 14.77 0.46
N PRO D 100 -24.04 14.02 1.18
CA PRO D 100 -23.00 13.35 0.45
C PRO D 100 -23.80 12.23 -0.22
N GLN D 101 -24.12 12.39 -1.50
CA GLN D 101 -24.79 11.33 -2.28
C GLN D 101 -23.86 10.13 -2.33
N THR D 102 -24.42 8.95 -2.26
CA THR D 102 -23.57 7.73 -2.13
C THR D 102 -24.05 6.60 -3.02
N PHE D 103 -23.12 5.76 -3.40
CA PHE D 103 -23.45 4.59 -4.23
C PHE D 103 -23.17 3.32 -3.47
N GLY D 104 -23.94 2.27 -3.77
CA GLY D 104 -23.60 0.97 -3.22
C GLY D 104 -22.38 0.40 -3.93
N GLY D 105 -21.81 -0.65 -3.33
CA GLY D 105 -20.65 -1.31 -3.88
C GLY D 105 -20.89 -2.08 -5.18
N GLY D 106 -22.11 -2.48 -5.43
CA GLY D 106 -22.42 -3.18 -6.68
C GLY D 106 -22.70 -4.65 -6.54
N THR D 107 -23.58 -5.16 -7.39
CA THR D 107 -23.92 -6.59 -7.42
C THR D 107 -23.79 -7.05 -8.87
N ARG D 108 -22.90 -8.00 -9.12
CA ARG D 108 -22.71 -8.54 -10.45
C ARG D 108 -23.69 -9.69 -10.69
N LEU D 109 -24.36 -9.64 -11.83
CA LEU D 109 -25.16 -10.76 -12.32
C LEU D 109 -24.32 -11.49 -13.37
N GLU D 110 -24.17 -12.81 -13.17
CA GLU D 110 -23.39 -13.64 -14.09
C GLU D 110 -24.16 -14.93 -14.35
N ILE D 111 -23.80 -15.62 -15.43
CA ILE D 111 -24.53 -16.82 -15.85
C ILE D 111 -24.07 -18.03 -15.05
N LYS D 112 -25.03 -18.79 -14.52
CA LYS D 112 -24.72 -20.01 -13.78
C LYS D 112 -24.51 -21.19 -14.74
N ARG D 113 -23.49 -21.99 -14.44
CA ARG D 113 -23.21 -23.21 -15.19
C ARG D 113 -22.54 -24.20 -14.26
N THR D 114 -22.25 -25.40 -14.77
CA THR D 114 -21.61 -26.40 -13.91
C THR D 114 -20.14 -26.04 -13.70
N ASP D 115 -19.58 -26.55 -12.60
CA ASP D 115 -18.17 -26.30 -12.28
C ASP D 115 -17.28 -26.88 -13.36
N ALA D 116 -16.17 -26.20 -13.62
CA ALA D 116 -15.19 -26.69 -14.58
C ALA D 116 -13.80 -26.36 -14.06
N ALA D 117 -12.93 -27.34 -14.06
CA ALA D 117 -11.57 -27.14 -13.61
C ALA D 117 -10.78 -26.37 -14.67
N PRO D 118 -9.76 -25.60 -14.26
CA PRO D 118 -8.99 -24.83 -15.25
C PRO D 118 -8.05 -25.72 -16.05
N THR D 119 -7.88 -25.37 -17.33
CA THR D 119 -6.84 -25.98 -18.17
C THR D 119 -5.59 -25.10 -18.07
N VAL D 120 -4.53 -25.64 -17.50
CA VAL D 120 -3.35 -24.87 -17.12
C VAL D 120 -2.22 -25.16 -18.08
N SER D 121 -1.57 -24.11 -18.59
CA SER D 121 -0.42 -24.24 -19.46
C SER D 121 0.66 -23.26 -19.01
N ILE D 122 1.89 -23.76 -18.90
CA ILE D 122 3.05 -22.95 -18.53
C ILE D 122 3.96 -22.87 -19.74
N PHE D 123 4.66 -21.73 -19.87
CA PHE D 123 5.54 -21.42 -21.01
C PHE D 123 6.83 -20.80 -20.50
N PRO D 124 7.98 -21.31 -20.92
CA PRO D 124 9.26 -20.69 -20.56
C PRO D 124 9.46 -19.36 -21.26
N PRO D 125 10.45 -18.57 -20.83
CA PRO D 125 10.79 -17.35 -21.58
C PRO D 125 11.14 -17.66 -23.03
N SER D 126 10.74 -16.78 -23.92
CA SER D 126 11.14 -16.91 -25.32
C SER D 126 12.59 -16.51 -25.48
N SER D 127 13.25 -17.12 -26.47
CA SER D 127 14.64 -16.78 -26.73
C SER D 127 14.80 -15.32 -27.12
N GLU D 128 13.80 -14.73 -27.80
CA GLU D 128 13.89 -13.32 -28.17
C GLU D 128 13.98 -12.42 -26.95
N GLN D 129 13.16 -12.69 -25.92
CA GLN D 129 13.19 -11.85 -24.73
C GLN D 129 14.48 -12.04 -23.95
N LEU D 130 15.04 -13.24 -23.99
CA LEU D 130 16.28 -13.50 -23.25
C LEU D 130 17.44 -12.69 -23.83
N THR D 131 17.48 -12.51 -25.15
CA THR D 131 18.52 -11.67 -25.72
C THR D 131 18.38 -10.22 -25.27
N SER D 132 17.17 -9.80 -24.89
CA SER D 132 16.95 -8.44 -24.41
C SER D 132 17.31 -8.27 -22.95
N GLY D 133 17.58 -9.35 -22.23
CA GLY D 133 17.90 -9.30 -20.81
C GLY D 133 16.74 -9.53 -19.86
N GLY D 134 15.55 -9.85 -20.37
CA GLY D 134 14.41 -10.16 -19.54
C GLY D 134 14.03 -11.63 -19.63
N ALA D 135 13.16 -12.05 -18.71
CA ALA D 135 12.68 -13.43 -18.71
C ALA D 135 11.31 -13.45 -18.03
N SER D 136 10.28 -13.73 -18.83
CA SER D 136 8.92 -13.82 -18.34
C SER D 136 8.45 -15.26 -18.47
N VAL D 137 7.91 -15.80 -17.39
CA VAL D 137 7.28 -17.11 -17.40
C VAL D 137 5.77 -16.89 -17.35
N VAL D 138 5.05 -17.51 -18.29
CA VAL D 138 3.63 -17.28 -18.47
C VAL D 138 2.85 -18.55 -18.13
N CYS D 139 1.74 -18.37 -17.45
CA CYS D 139 0.86 -19.45 -17.07
C CYS D 139 -0.56 -19.07 -17.47
N PHE D 140 -1.19 -19.86 -18.33
CA PHE D 140 -2.59 -19.67 -18.67
C PHE D 140 -3.48 -20.63 -17.86
N LEU D 141 -4.59 -20.13 -17.37
CA LEU D 141 -5.59 -20.92 -16.65
C LEU D 141 -6.92 -20.67 -17.36
N ASN D 142 -7.35 -21.62 -18.19
CA ASN D 142 -8.39 -21.35 -19.16
C ASN D 142 -9.66 -22.14 -18.91
N ASN D 143 -10.80 -21.49 -19.14
CA ASN D 143 -12.14 -22.10 -19.24
C ASN D 143 -12.52 -22.84 -17.95
N PHE D 144 -12.48 -22.12 -16.83
CA PHE D 144 -12.89 -22.66 -15.55
C PHE D 144 -14.17 -21.97 -15.06
N TYR D 145 -14.85 -22.61 -14.11
CA TYR D 145 -16.02 -22.05 -13.47
C TYR D 145 -16.09 -22.71 -12.09
N PRO D 146 -16.39 -21.95 -11.03
CA PRO D 146 -16.67 -20.50 -11.01
C PRO D 146 -15.43 -19.61 -11.09
N LYS D 147 -15.63 -18.30 -10.94
CA LYS D 147 -14.64 -17.31 -11.36
C LYS D 147 -13.50 -17.10 -10.38
N ASP D 148 -13.65 -17.48 -9.11
CA ASP D 148 -12.58 -17.29 -8.14
C ASP D 148 -11.48 -18.33 -8.35
N ILE D 149 -10.22 -17.87 -8.36
CA ILE D 149 -9.08 -18.73 -8.63
C ILE D 149 -7.84 -18.06 -8.04
N ASN D 150 -6.82 -18.86 -7.75
CA ASN D 150 -5.56 -18.30 -7.26
C ASN D 150 -4.39 -19.04 -7.91
N VAL D 151 -3.34 -18.27 -8.20
CA VAL D 151 -2.13 -18.77 -8.82
C VAL D 151 -0.98 -18.54 -7.85
N LYS D 152 -0.21 -19.59 -7.60
CA LYS D 152 1.03 -19.50 -6.85
C LYS D 152 2.17 -19.86 -7.78
N TRP D 153 3.23 -19.07 -7.77
CA TRP D 153 4.46 -19.34 -8.51
C TRP D 153 5.52 -19.92 -7.57
N LYS D 154 6.15 -21.01 -7.99
CA LYS D 154 7.22 -21.64 -7.21
C LYS D 154 8.48 -21.77 -8.05
N ILE D 155 9.62 -21.46 -7.45
CA ILE D 155 10.93 -21.54 -8.10
C ILE D 155 11.79 -22.49 -7.28
N ASP D 156 12.07 -23.66 -7.86
CA ASP D 156 12.81 -24.71 -7.15
C ASP D 156 12.15 -25.05 -5.82
N GLY D 157 10.81 -25.09 -5.83
CA GLY D 157 10.06 -25.44 -4.64
C GLY D 157 9.72 -24.29 -3.71
N SER D 158 10.36 -23.14 -3.86
CA SER D 158 10.11 -21.98 -3.01
C SER D 158 9.17 -21.01 -3.71
N GLU D 159 8.19 -20.52 -2.98
CA GLU D 159 7.22 -19.59 -3.53
C GLU D 159 7.84 -18.24 -3.84
N ARG D 160 7.43 -17.64 -4.97
CA ARG D 160 7.84 -16.29 -5.33
C ARG D 160 6.61 -15.40 -5.51
N GLN D 161 6.65 -14.20 -4.92
CA GLN D 161 5.54 -13.26 -5.03
C GLN D 161 5.88 -11.99 -5.80
N ASN D 162 7.14 -11.57 -5.81
CA ASN D 162 7.54 -10.33 -6.48
C ASN D 162 7.65 -10.51 -7.98
N GLY D 163 6.95 -9.68 -8.73
CA GLY D 163 7.06 -9.66 -10.18
C GLY D 163 5.93 -10.32 -10.93
N VAL D 164 4.78 -10.54 -10.30
CA VAL D 164 3.64 -11.23 -10.90
C VAL D 164 2.59 -10.22 -11.39
N LEU D 165 2.15 -10.39 -12.63
CA LEU D 165 1.10 -9.58 -13.24
C LEU D 165 -0.01 -10.53 -13.69
N ASN D 166 -1.21 -10.34 -13.16
CA ASN D 166 -2.33 -11.21 -13.41
C ASN D 166 -3.40 -10.48 -14.21
N SER D 167 -4.17 -11.23 -15.00
CA SER D 167 -5.24 -10.64 -15.79
C SER D 167 -6.32 -11.68 -15.98
N TRP D 168 -7.58 -11.24 -15.99
CA TRP D 168 -8.74 -12.12 -16.04
C TRP D 168 -9.66 -11.68 -17.16
N THR D 169 -10.25 -12.64 -17.86
CA THR D 169 -11.21 -12.32 -18.90
C THR D 169 -12.62 -12.18 -18.32
N ASP D 170 -13.47 -11.50 -19.07
CA ASP D 170 -14.90 -11.49 -18.77
C ASP D 170 -15.46 -12.90 -18.99
N GLN D 171 -16.64 -13.14 -18.44
CA GLN D 171 -17.32 -14.42 -18.64
C GLN D 171 -17.55 -14.66 -20.13
N ASP D 172 -17.23 -15.87 -20.59
CA ASP D 172 -17.40 -16.17 -22.00
C ASP D 172 -18.89 -16.13 -22.37
N SER D 173 -19.19 -15.48 -23.49
CA SER D 173 -20.56 -15.38 -23.98
C SER D 173 -21.16 -16.76 -24.25
N LYS D 174 -20.34 -17.69 -24.76
CA LYS D 174 -20.82 -18.95 -25.32
C LYS D 174 -20.78 -20.11 -24.35
N ASP D 175 -19.71 -20.26 -23.55
CA ASP D 175 -19.61 -21.41 -22.68
C ASP D 175 -19.61 -21.03 -21.20
N SER D 176 -19.66 -19.73 -20.90
CA SER D 176 -19.95 -19.21 -19.57
C SER D 176 -18.78 -19.39 -18.60
N THR D 177 -17.57 -19.68 -19.11
CA THR D 177 -16.39 -19.87 -18.27
C THR D 177 -15.56 -18.59 -18.16
N TYR D 178 -14.55 -18.68 -17.31
CA TYR D 178 -13.60 -17.60 -17.07
C TYR D 178 -12.18 -18.10 -17.32
N SER D 179 -11.29 -17.17 -17.65
CA SER D 179 -9.90 -17.50 -17.96
C SER D 179 -8.99 -16.50 -17.25
N MET D 180 -7.78 -16.95 -16.95
CA MET D 180 -6.81 -16.11 -16.26
C MET D 180 -5.43 -16.30 -16.86
N SER D 181 -4.67 -15.21 -16.92
CA SER D 181 -3.28 -15.21 -17.35
C SER D 181 -2.39 -14.69 -16.24
N SER D 182 -1.36 -15.45 -15.88
CA SER D 182 -0.39 -15.00 -14.88
C SER D 182 1.00 -14.98 -15.48
N THR D 183 1.71 -13.86 -15.28
CA THR D 183 3.04 -13.66 -15.84
C THR D 183 4.02 -13.30 -14.73
N LEU D 184 5.05 -14.12 -14.58
CA LEU D 184 6.14 -13.89 -13.63
C LEU D 184 7.34 -13.37 -14.41
N THR D 185 7.75 -12.13 -14.16
CA THR D 185 8.85 -11.50 -14.88
C THR D 185 10.07 -11.43 -13.97
N LEU D 186 11.18 -12.02 -14.42
CA LEU D 186 12.47 -11.95 -13.75
C LEU D 186 13.50 -11.31 -14.69
N THR D 187 14.67 -11.03 -14.14
CA THR D 187 15.83 -10.72 -14.97
C THR D 187 16.42 -12.00 -15.54
N LYS D 188 17.13 -11.87 -16.66
CA LYS D 188 17.84 -13.00 -17.24
C LYS D 188 18.80 -13.65 -16.23
N ASP D 189 19.54 -12.83 -15.47
CA ASP D 189 20.33 -13.28 -14.32
C ASP D 189 19.57 -14.22 -13.39
N GLU D 190 18.49 -13.70 -12.81
CA GLU D 190 17.74 -14.48 -11.83
C GLU D 190 17.20 -15.75 -12.45
N TYR D 191 16.71 -15.65 -13.69
CA TYR D 191 16.05 -16.80 -14.33
C TYR D 191 17.01 -17.95 -14.55
N GLU D 192 18.25 -17.66 -14.93
CA GLU D 192 19.21 -18.73 -15.24
C GLU D 192 19.93 -19.20 -14.01
N ARG D 193 19.54 -18.69 -12.85
CA ARG D 193 20.04 -19.13 -11.57
C ARG D 193 19.26 -20.31 -10.97
N HIS D 194 18.09 -20.66 -11.53
CA HIS D 194 17.25 -21.72 -11.03
C HIS D 194 16.91 -22.66 -12.17
N ASN D 195 16.37 -23.84 -11.83
CA ASN D 195 16.06 -24.87 -12.82
C ASN D 195 14.58 -25.12 -13.01
N SER D 196 13.82 -25.29 -11.92
CA SER D 196 12.41 -25.68 -11.97
C SER D 196 11.53 -24.45 -11.79
N TYR D 197 10.50 -24.33 -12.63
CA TYR D 197 9.52 -23.25 -12.56
C TYR D 197 8.12 -23.86 -12.59
N THR D 198 7.25 -23.39 -11.69
CA THR D 198 5.95 -24.00 -11.45
C THR D 198 4.91 -22.93 -11.19
N CYS D 199 3.75 -23.05 -11.84
CA CYS D 199 2.55 -22.32 -11.43
C CYS D 199 1.54 -23.32 -10.89
N GLU D 200 0.91 -22.97 -9.77
CA GLU D 200 -0.06 -23.80 -9.10
C GLU D 200 -1.43 -23.12 -9.12
N ALA D 201 -2.43 -23.81 -9.65
CA ALA D 201 -3.78 -23.26 -9.81
C ALA D 201 -4.68 -23.82 -8.73
N THR D 202 -5.14 -22.95 -7.83
CA THR D 202 -6.07 -23.33 -6.77
C THR D 202 -7.48 -22.91 -7.14
N HIS D 203 -8.39 -23.87 -7.17
CA HIS D 203 -9.77 -23.65 -7.60
C HIS D 203 -10.71 -24.57 -6.82
N LYS D 204 -11.97 -24.15 -6.68
CA LYS D 204 -12.89 -24.92 -5.82
C LYS D 204 -13.21 -26.31 -6.38
N THR D 205 -12.88 -26.60 -7.64
CA THR D 205 -13.10 -27.92 -8.20
C THR D 205 -12.15 -28.99 -7.65
N SER D 206 -11.16 -28.61 -6.85
CA SER D 206 -10.21 -29.58 -6.29
C SER D 206 -9.73 -29.09 -4.93
N THR D 207 -9.19 -30.02 -4.14
CA THR D 207 -8.58 -29.72 -2.86
C THR D 207 -7.07 -29.59 -2.95
N SER D 208 -6.46 -30.16 -3.97
CA SER D 208 -5.07 -30.09 -4.41
C SER D 208 -4.95 -29.17 -5.62
N PRO D 209 -3.94 -28.32 -5.66
CA PRO D 209 -3.79 -27.43 -6.81
C PRO D 209 -3.42 -28.19 -8.07
N ILE D 210 -3.73 -27.58 -9.21
CA ILE D 210 -3.24 -28.09 -10.49
C ILE D 210 -1.84 -27.54 -10.71
N VAL D 211 -0.88 -28.42 -10.97
CA VAL D 211 0.54 -28.09 -10.99
C VAL D 211 1.09 -28.29 -12.40
N LYS D 212 1.63 -27.21 -12.98
CA LYS D 212 2.31 -27.29 -14.26
C LYS D 212 3.73 -26.77 -14.10
N SER D 213 4.68 -27.50 -14.70
CA SER D 213 6.10 -27.28 -14.44
C SER D 213 6.90 -27.46 -15.73
N PHE D 214 8.08 -26.86 -15.73
CA PHE D 214 9.08 -27.11 -16.75
C PHE D 214 10.44 -26.92 -16.11
N ASN D 215 11.44 -27.54 -16.70
CA ASN D 215 12.82 -27.43 -16.26
C ASN D 215 13.59 -26.56 -17.26
N ARG D 216 14.39 -25.63 -16.74
CA ARG D 216 15.13 -24.72 -17.63
C ARG D 216 16.14 -25.48 -18.50
N ASN D 217 16.64 -26.63 -18.03
CA ASN D 217 17.63 -27.41 -18.77
C ASN D 217 17.02 -28.21 -19.93
N GLU D 218 16.33 -27.50 -20.81
CA GLU D 218 15.67 -28.12 -21.95
C GLU D 218 15.79 -27.21 -23.18
N ALA E 1 -32.94 16.47 -0.31
CA ALA E 1 -32.47 15.82 -1.53
C ALA E 1 -31.37 16.66 -2.17
N VAL E 2 -30.39 15.96 -2.73
CA VAL E 2 -29.20 16.62 -3.33
C VAL E 2 -29.59 17.61 -4.42
N GLY E 3 -28.94 18.76 -4.43
CA GLY E 3 -29.18 19.75 -5.45
C GLY E 3 -30.40 20.65 -5.22
N LEU E 4 -31.19 20.41 -4.18
CA LEU E 4 -32.41 21.18 -3.97
C LEU E 4 -32.13 22.28 -2.95
N GLY E 5 -32.74 23.45 -3.19
CA GLY E 5 -32.60 24.58 -2.30
C GLY E 5 -33.94 24.94 -1.69
N ALA F 1 -8.10 23.04 31.08
CA ALA F 1 -7.61 22.34 29.91
C ALA F 1 -6.52 23.16 29.23
N VAL F 2 -5.46 22.51 28.74
CA VAL F 2 -4.34 23.25 28.16
C VAL F 2 -4.82 24.07 26.97
N GLY F 3 -4.23 25.25 26.81
CA GLY F 3 -4.53 26.14 25.71
C GLY F 3 -5.77 27.01 25.89
N LEU F 4 -6.53 26.83 26.96
CA LEU F 4 -7.76 27.59 27.19
C LEU F 4 -7.47 28.73 28.15
N GLY F 5 -8.13 29.86 27.92
CA GLY F 5 -8.00 31.01 28.79
C GLY F 5 -9.29 31.35 29.49
#